data_6DZ3
#
_entry.id   6DZ3
#
_cell.length_a   79.355
_cell.length_b   135.133
_cell.length_c   158.860
_cell.angle_alpha   90.00
_cell.angle_beta   90.00
_cell.angle_gamma   90.00
#
_symmetry.space_group_name_H-M   'C 2 2 21'
#
loop_
_entity.id
_entity.type
_entity.pdbx_description
1 polymer "S-methyl-5'-thioadenosine phosphorylase"
2 non-polymer 'CHLORIDE ION'
3 non-polymer 1,2-ETHANEDIOL
4 non-polymer (3R,4S)-1-[(4-amino-5H-pyrrolo[3,2-d]pyrimidin-7-yl)methyl]-4-({[3-(1-butyl-1H-1,2,3-triazol-4-yl)propyl]sulfanyl}methyl)pyrrolidin-3-ol
5 non-polymer 'ACETIC ACID'
6 water water
#
_entity_poly.entity_id   1
_entity_poly.type   'polypeptide(L)'
_entity_poly.pdbx_seq_one_letter_code
;MHHHHHHENLYFQSMASGTTTTAVKIGIIGGTGLDDPEILEGRTEKYVDTPFGKPSDALILGKIKNVDCVLLARHGRQHT
IMPSKVNYQANIWALKEEGCTHVIVTTACGSLREEIQPGDIVIIDQFIDRTTMRPQSFYDGSHSCARGVCHIPMAEPFCP
KTREVLIETAKKLGLRCHSKGTMVTIEGPRFSSRAESFMFRTWGADVINMTTVPEVVLAKEAGICYASIAMATDYDCWKE
HEEAVSVDRVLKTLKENANKAKSLLLTTIPQIGSTEWSETLHNLKNMAQFSVLLPRH
;
_entity_poly.pdbx_strand_id   A,B,C
#
# COMPACT_ATOMS: atom_id res chain seq x y z
N ALA A 23 3.55 5.45 -38.88
CA ALA A 23 3.98 4.01 -38.95
C ALA A 23 3.67 3.30 -37.63
N VAL A 24 2.69 2.40 -37.62
CA VAL A 24 2.34 1.72 -36.35
C VAL A 24 3.36 0.60 -36.09
N LYS A 25 3.66 0.42 -34.81
CA LYS A 25 4.45 -0.71 -34.36
C LYS A 25 3.86 -1.14 -33.02
N ILE A 26 3.46 -2.40 -32.92
CA ILE A 26 2.73 -2.90 -31.76
C ILE A 26 3.63 -3.72 -30.85
N GLY A 27 3.85 -3.21 -29.63
CA GLY A 27 4.47 -3.99 -28.56
C GLY A 27 3.44 -4.96 -28.00
N ILE A 28 3.84 -6.22 -27.80
CA ILE A 28 2.90 -7.24 -27.33
C ILE A 28 3.51 -7.92 -26.11
N ILE A 29 2.82 -7.79 -24.98
CA ILE A 29 3.27 -8.39 -23.72
C ILE A 29 2.32 -9.49 -23.35
N GLY A 30 2.90 -10.67 -23.06
CA GLY A 30 2.10 -11.87 -22.76
C GLY A 30 1.49 -12.50 -24.00
N GLY A 31 2.10 -12.23 -25.15
CA GLY A 31 1.67 -12.77 -26.44
C GLY A 31 2.06 -14.22 -26.70
N THR A 32 2.45 -14.99 -25.67
CA THR A 32 2.93 -16.37 -25.77
C THR A 32 2.96 -16.99 -27.18
N GLY A 33 1.82 -17.48 -27.67
CA GLY A 33 1.77 -18.23 -28.91
C GLY A 33 1.98 -17.51 -30.21
N LEU A 34 2.12 -16.19 -30.22
CA LEU A 34 2.39 -15.44 -31.45
C LEU A 34 3.83 -15.63 -31.95
N ASP A 35 4.76 -16.08 -31.10
CA ASP A 35 6.13 -16.38 -31.53
C ASP A 35 6.14 -17.75 -32.24
N ASP A 36 5.69 -17.74 -33.48
CA ASP A 36 5.38 -18.93 -34.26
C ASP A 36 5.78 -18.59 -35.70
N PRO A 37 6.59 -19.44 -36.36
CA PRO A 37 7.07 -19.11 -37.71
C PRO A 37 5.94 -18.99 -38.76
N GLU A 38 4.83 -19.69 -38.55
CA GLU A 38 3.63 -19.54 -39.38
C GLU A 38 3.00 -18.14 -39.26
N ILE A 39 3.20 -17.48 -38.11
CA ILE A 39 2.60 -16.18 -37.79
C ILE A 39 3.56 -14.99 -37.92
N LEU A 40 4.73 -15.11 -37.33
CA LEU A 40 5.70 -14.02 -37.23
C LEU A 40 6.72 -14.12 -38.36
N GLU A 41 6.69 -13.16 -39.28
CA GLU A 41 7.60 -13.14 -40.43
C GLU A 41 8.81 -12.25 -40.08
N GLY A 42 9.98 -12.65 -40.57
CA GLY A 42 11.19 -11.82 -40.42
C GLY A 42 11.71 -11.75 -38.98
N ARG A 43 11.59 -12.86 -38.27
CA ARG A 43 11.89 -12.93 -36.84
C ARG A 43 13.35 -12.54 -36.53
N THR A 44 13.52 -11.62 -35.59
CA THR A 44 14.82 -11.36 -34.97
C THR A 44 14.65 -11.30 -33.46
N GLU A 45 15.63 -11.81 -32.74
CA GLU A 45 15.63 -11.77 -31.27
C GLU A 45 16.79 -10.87 -30.82
N LYS A 46 16.58 -10.08 -29.78
CA LYS A 46 17.65 -9.34 -29.16
C LYS A 46 17.45 -8.95 -27.70
N TYR A 47 18.56 -8.84 -26.99
CA TYR A 47 18.64 -8.36 -25.63
C TYR A 47 18.99 -6.87 -25.70
N VAL A 48 18.12 -6.06 -25.13
CA VAL A 48 18.33 -4.62 -25.03
C VAL A 48 18.66 -4.29 -23.57
N ASP A 49 19.33 -3.18 -23.38
CA ASP A 49 19.52 -2.60 -22.05
C ASP A 49 18.83 -1.26 -22.08
N THR A 50 18.41 -0.78 -20.91
CA THR A 50 17.74 0.51 -20.80
C THR A 50 18.34 1.25 -19.61
N PRO A 51 18.08 2.56 -19.49
CA PRO A 51 18.47 3.28 -18.28
C PRO A 51 17.88 2.73 -16.97
N PHE A 52 16.80 1.94 -17.06
CA PHE A 52 16.16 1.31 -15.90
C PHE A 52 16.52 -0.17 -15.71
N GLY A 53 17.54 -0.64 -16.45
CA GLY A 53 17.99 -2.02 -16.36
C GLY A 53 17.49 -2.87 -17.51
N LYS A 54 17.61 -4.17 -17.32
CA LYS A 54 17.29 -5.13 -18.38
C LYS A 54 15.79 -5.44 -18.36
N PRO A 55 15.15 -5.50 -19.54
CA PRO A 55 13.80 -6.05 -19.62
C PRO A 55 13.71 -7.51 -19.15
N SER A 56 12.48 -7.96 -18.92
CA SER A 56 12.20 -9.33 -18.48
C SER A 56 12.73 -10.42 -19.41
N ASP A 57 12.74 -10.13 -20.71
CA ASP A 57 13.23 -11.09 -21.68
C ASP A 57 13.79 -10.34 -22.89
N ALA A 58 14.35 -11.08 -23.83
CA ALA A 58 14.70 -10.53 -25.13
C ALA A 58 13.47 -10.01 -25.85
N LEU A 59 13.65 -8.96 -26.65
CA LEU A 59 12.62 -8.49 -27.56
C LEU A 59 12.67 -9.36 -28.82
N ILE A 60 11.49 -9.83 -29.26
CA ILE A 60 11.36 -10.59 -30.51
C ILE A 60 10.65 -9.70 -31.53
N LEU A 61 11.37 -9.32 -32.58
CA LEU A 61 10.84 -8.42 -33.62
C LEU A 61 10.39 -9.19 -34.86
N GLY A 62 9.40 -8.65 -35.55
CA GLY A 62 8.90 -9.24 -36.78
C GLY A 62 7.60 -8.63 -37.24
N LYS A 63 7.06 -9.19 -38.32
CA LYS A 63 5.79 -8.75 -38.89
C LYS A 63 4.73 -9.81 -38.70
N ILE A 64 3.58 -9.40 -38.18
CA ILE A 64 2.42 -10.26 -38.04
C ILE A 64 1.35 -9.62 -38.89
N LYS A 65 0.84 -10.36 -39.87
CA LYS A 65 -0.13 -9.85 -40.84
C LYS A 65 0.27 -8.48 -41.39
N ASN A 66 1.54 -8.36 -41.75
CA ASN A 66 2.15 -7.15 -42.31
C ASN A 66 2.14 -5.90 -41.42
N VAL A 67 2.11 -6.11 -40.09
CA VAL A 67 2.27 -5.03 -39.12
C VAL A 67 3.52 -5.31 -38.33
N ASP A 68 4.39 -4.33 -38.17
CA ASP A 68 5.58 -4.47 -37.33
C ASP A 68 5.14 -4.68 -35.88
N CYS A 69 5.66 -5.72 -35.25
CA CYS A 69 5.38 -6.06 -33.86
C CYS A 69 6.68 -6.31 -33.11
N VAL A 70 6.61 -6.13 -31.79
CA VAL A 70 7.71 -6.40 -30.86
C VAL A 70 7.12 -7.21 -29.72
N LEU A 71 7.55 -8.47 -29.58
CA LEU A 71 7.02 -9.37 -28.58
C LEU A 71 7.94 -9.34 -27.35
N LEU A 72 7.33 -9.32 -26.17
CA LEU A 72 8.06 -9.32 -24.91
C LEU A 72 7.31 -10.16 -23.88
N ALA A 73 7.93 -11.28 -23.48
CA ALA A 73 7.40 -12.12 -22.40
C ALA A 73 7.60 -11.40 -21.06
N ARG A 74 6.54 -11.36 -20.26
CA ARG A 74 6.50 -10.50 -19.07
C ARG A 74 7.33 -11.05 -17.89
N HIS A 75 7.26 -12.37 -17.69
CA HIS A 75 7.96 -13.05 -16.59
C HIS A 75 9.17 -13.85 -17.07
N GLY A 76 9.70 -13.50 -18.25
CA GLY A 76 10.78 -14.26 -18.89
C GLY A 76 10.24 -15.42 -19.73
N ARG A 77 11.11 -15.98 -20.57
CA ARG A 77 10.75 -17.06 -21.49
C ARG A 77 10.45 -18.39 -20.78
N GLN A 78 11.27 -18.70 -19.78
CA GLN A 78 11.02 -19.81 -18.85
C GLN A 78 10.96 -19.27 -17.40
N HIS A 79 11.97 -18.48 -17.05
CA HIS A 79 12.08 -17.67 -15.82
C HIS A 79 11.03 -17.73 -14.69
N THR A 80 11.54 -17.41 -13.49
CA THR A 80 10.82 -17.52 -12.23
C THR A 80 10.84 -16.16 -11.50
N ILE A 81 9.99 -15.25 -11.99
CA ILE A 81 9.95 -13.89 -11.43
C ILE A 81 8.54 -13.46 -10.96
N MET A 82 8.45 -13.11 -9.68
CA MET A 82 7.19 -12.66 -9.11
C MET A 82 6.77 -11.33 -9.77
N PRO A 83 5.45 -11.11 -9.92
CA PRO A 83 4.96 -9.86 -10.48
C PRO A 83 5.55 -8.61 -9.84
N SER A 84 5.81 -8.66 -8.52
CA SER A 84 6.46 -7.55 -7.79
C SER A 84 7.82 -7.16 -8.34
N LYS A 85 8.55 -8.10 -8.92
CA LYS A 85 9.96 -7.89 -9.30
C LYS A 85 10.16 -7.73 -10.81
N VAL A 86 9.10 -7.80 -11.60
CA VAL A 86 9.19 -7.58 -13.04
C VAL A 86 9.64 -6.14 -13.27
N ASN A 87 10.61 -5.96 -14.15
CA ASN A 87 11.16 -4.62 -14.40
C ASN A 87 10.27 -3.94 -15.44
N TYR A 88 9.12 -3.45 -14.97
CA TYR A 88 8.13 -2.81 -15.82
C TYR A 88 8.69 -1.57 -16.51
N GLN A 89 9.49 -0.78 -15.79
CA GLN A 89 10.12 0.40 -16.38
C GLN A 89 10.98 0.01 -17.58
N ALA A 90 11.86 -0.97 -17.40
CA ALA A 90 12.71 -1.42 -18.51
C ALA A 90 11.88 -1.99 -19.66
N ASN A 91 10.82 -2.73 -19.35
CA ASN A 91 9.99 -3.33 -20.39
C ASN A 91 9.35 -2.26 -21.28
N ILE A 92 8.71 -1.27 -20.66
CA ILE A 92 8.03 -0.22 -21.41
C ILE A 92 9.04 0.71 -22.11
N TRP A 93 10.15 1.04 -21.43
CA TRP A 93 11.20 1.84 -22.04
C TRP A 93 11.73 1.17 -23.29
N ALA A 94 12.01 -0.11 -23.21
CA ALA A 94 12.52 -0.90 -24.36
C ALA A 94 11.56 -0.86 -25.53
N LEU A 95 10.28 -1.06 -25.25
CA LEU A 95 9.26 -1.02 -26.30
C LEU A 95 9.17 0.38 -26.92
N LYS A 96 9.24 1.41 -26.09
CA LYS A 96 9.24 2.80 -26.57
C LYS A 96 10.46 3.05 -27.47
N GLU A 97 11.62 2.58 -27.04
CA GLU A 97 12.87 2.77 -27.78
C GLU A 97 12.90 2.03 -29.11
N GLU A 98 12.16 0.92 -29.21
CA GLU A 98 11.98 0.23 -30.50
C GLU A 98 11.03 0.94 -31.47
N GLY A 99 10.34 1.98 -31.00
CA GLY A 99 9.43 2.76 -31.82
C GLY A 99 7.98 2.29 -31.72
N CYS A 100 7.64 1.59 -30.63
CA CYS A 100 6.27 1.13 -30.47
C CYS A 100 5.34 2.32 -30.28
N THR A 101 4.28 2.35 -31.08
CA THR A 101 3.21 3.31 -30.97
C THR A 101 2.08 2.77 -30.10
N HIS A 102 1.94 1.45 -30.08
CA HIS A 102 0.90 0.75 -29.34
C HIS A 102 1.52 -0.36 -28.50
N VAL A 103 0.87 -0.67 -27.39
CA VAL A 103 1.16 -1.86 -26.62
C VAL A 103 -0.17 -2.55 -26.32
N ILE A 104 -0.25 -3.83 -26.68
CA ILE A 104 -1.40 -4.65 -26.32
C ILE A 104 -0.88 -5.77 -25.45
N VAL A 105 -1.48 -5.90 -24.27
CA VAL A 105 -1.05 -6.91 -23.32
C VAL A 105 -2.16 -7.91 -23.12
N THR A 106 -1.77 -9.14 -22.81
CA THR A 106 -2.73 -10.15 -22.40
C THR A 106 -2.40 -10.51 -20.98
N THR A 107 -3.43 -10.72 -20.18
CA THR A 107 -3.26 -11.12 -18.79
C THR A 107 -4.39 -12.07 -18.40
N ALA A 108 -4.05 -13.08 -17.59
CA ALA A 108 -5.08 -13.83 -16.86
C ALA A 108 -5.59 -12.95 -15.72
N CYS A 109 -6.75 -13.31 -15.19
CA CYS A 109 -7.30 -12.59 -14.06
C CYS A 109 -8.37 -13.42 -13.38
N GLY A 110 -8.66 -13.06 -12.12
CA GLY A 110 -9.79 -13.62 -11.41
C GLY A 110 -11.00 -12.78 -11.69
N SER A 111 -12.17 -13.40 -11.73
CA SER A 111 -13.44 -12.69 -11.84
C SER A 111 -14.00 -12.41 -10.44
N LEU A 112 -14.42 -11.16 -10.25
CA LEU A 112 -15.11 -10.71 -9.05
C LEU A 112 -16.59 -10.51 -9.30
N ARG A 113 -17.10 -10.98 -10.44
CA ARG A 113 -18.51 -10.80 -10.81
C ARG A 113 -19.05 -12.10 -11.40
N GLU A 114 -20.24 -12.53 -10.98
CA GLU A 114 -20.82 -13.78 -11.48
C GLU A 114 -20.88 -13.81 -13.01
N GLU A 115 -21.28 -12.70 -13.60
CA GLU A 115 -21.44 -12.58 -15.06
C GLU A 115 -20.14 -12.67 -15.87
N ILE A 116 -19.00 -12.43 -15.24
CA ILE A 116 -17.69 -12.64 -15.88
C ILE A 116 -17.28 -14.07 -15.54
N GLN A 117 -17.53 -14.98 -16.48
CA GLN A 117 -17.26 -16.39 -16.25
C GLN A 117 -15.85 -16.72 -16.69
N PRO A 118 -15.24 -17.75 -16.07
CA PRO A 118 -13.95 -18.21 -16.55
C PRO A 118 -13.97 -18.53 -18.05
N GLY A 119 -12.95 -18.05 -18.77
CA GLY A 119 -12.93 -18.15 -20.23
C GLY A 119 -13.34 -16.85 -20.91
N ASP A 120 -14.10 -15.99 -20.23
CA ASP A 120 -14.50 -14.71 -20.77
C ASP A 120 -13.34 -13.75 -20.88
N ILE A 121 -13.40 -12.92 -21.92
CA ILE A 121 -12.44 -11.83 -22.11
C ILE A 121 -13.05 -10.55 -21.55
N VAL A 122 -12.22 -9.71 -20.95
CA VAL A 122 -12.65 -8.41 -20.47
C VAL A 122 -11.69 -7.37 -21.03
N ILE A 123 -12.24 -6.41 -21.78
CA ILE A 123 -11.45 -5.32 -22.32
C ILE A 123 -11.50 -4.21 -21.29
N ILE A 124 -10.62 -4.31 -20.30
CA ILE A 124 -10.67 -3.42 -19.13
C ILE A 124 -10.48 -1.95 -19.49
N ASP A 125 -11.19 -1.09 -18.77
CA ASP A 125 -11.12 0.36 -18.97
C ASP A 125 -10.70 1.17 -17.75
N GLN A 126 -10.61 0.53 -16.58
CA GLN A 126 -10.16 1.17 -15.38
C GLN A 126 -9.32 0.22 -14.55
N PHE A 127 -8.60 0.79 -13.58
CA PHE A 127 -7.91 -0.02 -12.60
C PHE A 127 -8.05 0.58 -11.20
N ILE A 128 -7.83 -0.27 -10.23
CA ILE A 128 -7.63 0.12 -8.83
C ILE A 128 -6.27 -0.44 -8.40
N ASP A 129 -5.39 0.41 -7.93
CA ASP A 129 -4.03 -0.01 -7.57
C ASP A 129 -4.01 -0.53 -6.14
N ARG A 130 -3.64 -1.79 -5.95
CA ARG A 130 -3.37 -2.34 -4.61
C ARG A 130 -1.92 -2.78 -4.49
N THR A 131 -1.06 -2.34 -5.41
CA THR A 131 0.37 -2.66 -5.34
C THR A 131 1.04 -1.74 -4.32
N THR A 132 2.19 -2.16 -3.82
CA THR A 132 2.93 -1.38 -2.85
C THR A 132 4.42 -1.20 -3.19
N MET A 133 5.02 -2.11 -3.93
CA MET A 133 6.47 -2.16 -4.08
C MET A 133 7.00 -1.48 -5.36
N ARG A 134 6.12 -0.88 -6.17
CA ARG A 134 6.43 -0.73 -7.58
C ARG A 134 6.67 0.69 -8.04
N PRO A 135 7.84 0.94 -8.65
CA PRO A 135 8.05 2.23 -9.30
C PRO A 135 7.02 2.43 -10.42
N GLN A 136 6.39 3.58 -10.44
CA GLN A 136 5.30 3.86 -11.39
C GLN A 136 5.60 5.05 -12.31
N SER A 137 6.82 5.55 -12.29
CA SER A 137 7.19 6.66 -13.17
C SER A 137 8.60 6.47 -13.70
N PHE A 138 8.82 6.96 -14.91
CA PHE A 138 10.17 7.09 -15.46
C PHE A 138 10.89 8.30 -14.88
N TYR A 139 10.13 9.29 -14.40
CA TYR A 139 10.68 10.60 -14.01
C TYR A 139 11.00 10.61 -12.52
N ASP A 140 12.03 9.85 -12.16
CA ASP A 140 12.36 9.57 -10.76
C ASP A 140 13.50 10.41 -10.19
N GLY A 141 13.94 11.44 -10.92
CA GLY A 141 15.04 12.31 -10.49
C GLY A 141 16.45 11.74 -10.61
N SER A 142 16.58 10.52 -11.18
CA SER A 142 17.86 9.81 -11.27
C SER A 142 18.23 9.36 -12.69
N HIS A 143 17.48 9.82 -13.68
CA HIS A 143 17.67 9.39 -15.06
C HIS A 143 17.61 10.65 -15.91
N SER A 144 18.72 11.04 -16.54
CA SER A 144 18.70 12.27 -17.33
C SER A 144 17.95 12.18 -18.69
N CYS A 145 17.48 11.00 -19.11
CA CYS A 145 16.56 10.86 -20.23
C CYS A 145 15.10 10.99 -19.84
N ALA A 146 14.84 11.13 -18.53
CA ALA A 146 13.52 11.43 -18.00
C ALA A 146 13.70 12.42 -16.84
N ARG A 147 13.97 13.67 -17.19
CA ARG A 147 14.21 14.75 -16.21
C ARG A 147 12.90 15.42 -15.83
N GLY A 148 12.83 15.88 -14.57
CA GLY A 148 11.66 16.58 -14.04
C GLY A 148 10.74 15.64 -13.24
N VAL A 149 9.51 16.08 -12.99
CA VAL A 149 8.50 15.27 -12.28
C VAL A 149 7.28 15.17 -13.17
N CYS A 150 6.79 13.94 -13.36
CA CYS A 150 5.65 13.70 -14.24
C CYS A 150 4.44 13.30 -13.42
N HIS A 151 3.33 14.01 -13.61
CA HIS A 151 2.04 13.66 -13.01
C HIS A 151 1.06 13.33 -14.14
N ILE A 152 1.08 12.09 -14.57
CA ILE A 152 0.31 11.66 -15.72
C ILE A 152 -1.19 11.50 -15.36
N PRO A 153 -2.11 12.02 -16.20
CA PRO A 153 -3.51 11.79 -15.94
C PRO A 153 -3.89 10.31 -16.16
N MET A 154 -4.77 9.81 -15.31
CA MET A 154 -5.22 8.44 -15.34
C MET A 154 -6.73 8.34 -15.33
N ALA A 155 -7.44 9.42 -15.68
CA ALA A 155 -8.91 9.37 -15.81
C ALA A 155 -9.35 8.28 -16.79
N GLU A 156 -8.63 8.17 -17.88
CA GLU A 156 -8.84 7.17 -18.93
C GLU A 156 -7.49 6.45 -19.13
N PRO A 157 -7.19 5.43 -18.31
CA PRO A 157 -5.86 4.81 -18.43
C PRO A 157 -5.59 4.03 -19.70
N PHE A 158 -6.64 3.51 -20.35
CA PHE A 158 -6.45 2.62 -21.51
C PHE A 158 -6.89 3.31 -22.79
N CYS A 159 -6.16 3.08 -23.86
CA CYS A 159 -6.40 3.75 -25.14
CA CYS A 159 -6.40 3.76 -25.14
C CYS A 159 -7.79 3.42 -25.69
N PRO A 160 -8.71 4.41 -25.76
CA PRO A 160 -10.08 4.09 -26.21
C PRO A 160 -10.21 3.49 -27.61
N LYS A 161 -9.43 3.96 -28.56
CA LYS A 161 -9.57 3.48 -29.95
C LYS A 161 -9.10 2.04 -30.08
N THR A 162 -7.99 1.68 -29.41
CA THR A 162 -7.55 0.29 -29.39
C THR A 162 -8.59 -0.60 -28.72
N ARG A 163 -9.14 -0.14 -27.60
CA ARG A 163 -10.19 -0.92 -26.93
C ARG A 163 -11.40 -1.13 -27.84
N GLU A 164 -11.81 -0.11 -28.57
CA GLU A 164 -12.95 -0.24 -29.51
C GLU A 164 -12.69 -1.31 -30.58
N VAL A 165 -11.48 -1.33 -31.12
CA VAL A 165 -11.07 -2.34 -32.10
C VAL A 165 -11.09 -3.73 -31.48
N LEU A 166 -10.54 -3.86 -30.27
CA LEU A 166 -10.58 -5.13 -29.54
C LEU A 166 -12.01 -5.62 -29.33
N ILE A 167 -12.87 -4.72 -28.89
CA ILE A 167 -14.28 -5.06 -28.62
C ILE A 167 -14.97 -5.52 -29.91
N GLU A 168 -14.78 -4.74 -30.97
CA GLU A 168 -15.40 -5.04 -32.27
C GLU A 168 -14.91 -6.39 -32.81
N THR A 169 -13.60 -6.62 -32.72
CA THR A 169 -12.99 -7.85 -33.18
C THR A 169 -13.49 -9.07 -32.40
N ALA A 170 -13.57 -8.96 -31.08
CA ALA A 170 -14.12 -10.02 -30.24
C ALA A 170 -15.56 -10.39 -30.64
N LYS A 171 -16.36 -9.37 -30.93
CA LYS A 171 -17.73 -9.60 -31.39
C LYS A 171 -17.75 -10.40 -32.70
N LYS A 172 -16.91 -10.00 -33.66
CA LYS A 172 -16.78 -10.69 -34.95
C LYS A 172 -16.32 -12.14 -34.81
N LEU A 173 -15.44 -12.39 -33.84
CA LEU A 173 -14.96 -13.74 -33.56
C LEU A 173 -15.94 -14.59 -32.76
N GLY A 174 -17.06 -14.02 -32.31
CA GLY A 174 -18.05 -14.76 -31.53
C GLY A 174 -17.66 -14.98 -30.08
N LEU A 175 -16.70 -14.23 -29.57
CA LEU A 175 -16.16 -14.46 -28.22
C LEU A 175 -17.06 -13.87 -27.16
N ARG A 176 -17.18 -14.55 -26.02
CA ARG A 176 -17.76 -13.93 -24.82
C ARG A 176 -16.75 -12.88 -24.35
N CYS A 177 -17.20 -11.63 -24.36
CA CYS A 177 -16.33 -10.50 -24.13
C CYS A 177 -17.11 -9.38 -23.46
N HIS A 178 -16.51 -8.84 -22.40
CA HIS A 178 -17.08 -7.71 -21.68
C HIS A 178 -16.36 -6.44 -22.12
N SER A 179 -17.16 -5.44 -22.52
CA SER A 179 -16.63 -4.24 -23.18
C SER A 179 -16.04 -3.22 -22.20
N LYS A 180 -16.21 -3.43 -20.90
CA LYS A 180 -15.52 -2.64 -19.90
C LYS A 180 -15.29 -3.46 -18.65
N GLY A 181 -14.50 -2.91 -17.74
CA GLY A 181 -14.24 -3.57 -16.47
C GLY A 181 -13.09 -2.93 -15.72
N THR A 182 -13.19 -2.99 -14.40
CA THR A 182 -12.19 -2.41 -13.51
C THR A 182 -11.33 -3.51 -12.97
N MET A 183 -10.03 -3.43 -13.27
CA MET A 183 -9.04 -4.37 -12.76
C MET A 183 -8.42 -3.88 -11.47
N VAL A 184 -8.52 -4.66 -10.40
CA VAL A 184 -7.74 -4.39 -9.20
C VAL A 184 -6.43 -5.17 -9.34
N THR A 185 -5.30 -4.46 -9.25
CA THR A 185 -4.01 -5.11 -9.29
C THR A 185 -3.44 -5.20 -7.90
N ILE A 186 -3.23 -6.44 -7.43
CA ILE A 186 -2.70 -6.70 -6.11
C ILE A 186 -1.18 -6.93 -6.21
N GLU A 187 -0.49 -6.75 -5.10
CA GLU A 187 0.97 -6.87 -5.09
C GLU A 187 1.40 -8.30 -5.38
N GLY A 188 0.69 -9.24 -4.77
CA GLY A 188 1.05 -10.64 -4.85
C GLY A 188 2.36 -10.89 -4.13
N PRO A 189 2.98 -12.05 -4.32
CA PRO A 189 2.51 -13.11 -5.22
C PRO A 189 1.33 -13.96 -4.68
N ARG A 190 1.00 -13.83 -3.40
CA ARG A 190 -0.14 -14.51 -2.82
C ARG A 190 -1.43 -14.10 -3.52
N PHE A 191 -2.40 -15.00 -3.54
CA PHE A 191 -3.76 -14.62 -3.88
C PHE A 191 -4.39 -13.87 -2.70
N SER A 192 -5.55 -13.28 -2.96
CA SER A 192 -6.27 -12.51 -1.98
C SER A 192 -6.95 -13.39 -0.93
N SER A 193 -7.13 -12.83 0.26
CA SER A 193 -8.00 -13.42 1.26
C SER A 193 -9.46 -13.25 0.82
N ARG A 194 -10.37 -14.01 1.41
CA ARG A 194 -11.79 -13.82 1.14
C ARG A 194 -12.27 -12.44 1.59
N ALA A 195 -11.82 -11.93 2.73
CA ALA A 195 -12.21 -10.57 3.15
C ALA A 195 -11.73 -9.52 2.15
N GLU A 196 -10.53 -9.71 1.60
CA GLU A 196 -10.06 -8.83 0.53
C GLU A 196 -10.93 -8.93 -0.73
N SER A 197 -11.27 -10.15 -1.13
CA SER A 197 -12.06 -10.38 -2.33
C SER A 197 -13.41 -9.66 -2.23
N PHE A 198 -14.08 -9.82 -1.10
CA PHE A 198 -15.36 -9.15 -0.87
C PHE A 198 -15.22 -7.63 -0.85
N MET A 199 -14.18 -7.13 -0.21
CA MET A 199 -13.90 -5.71 -0.17
C MET A 199 -13.68 -5.11 -1.59
N PHE A 200 -12.90 -5.81 -2.41
CA PHE A 200 -12.66 -5.35 -3.79
C PHE A 200 -13.97 -5.26 -4.57
N ARG A 201 -14.87 -6.23 -4.39
CA ARG A 201 -16.21 -6.15 -4.99
C ARG A 201 -16.94 -4.87 -4.56
N THR A 202 -16.90 -4.53 -3.28
CA THR A 202 -17.58 -3.32 -2.78
C THR A 202 -16.92 -2.04 -3.32
N TRP A 203 -15.63 -2.08 -3.64
CA TRP A 203 -14.96 -0.94 -4.24
C TRP A 203 -15.27 -0.73 -5.73
N GLY A 204 -15.91 -1.70 -6.38
CA GLY A 204 -16.24 -1.59 -7.79
C GLY A 204 -15.29 -2.35 -8.72
N ALA A 205 -14.40 -3.16 -8.15
CA ALA A 205 -13.50 -3.98 -8.99
C ALA A 205 -14.29 -5.13 -9.58
N ASP A 206 -14.01 -5.43 -10.85
CA ASP A 206 -14.65 -6.52 -11.59
C ASP A 206 -13.75 -7.72 -11.83
N VAL A 207 -12.46 -7.47 -11.98
CA VAL A 207 -11.48 -8.51 -12.19
C VAL A 207 -10.23 -8.18 -11.38
N ILE A 208 -9.38 -9.18 -11.18
CA ILE A 208 -8.23 -9.06 -10.30
C ILE A 208 -6.98 -9.70 -10.91
N ASN A 209 -5.86 -9.00 -10.83
CA ASN A 209 -4.60 -9.55 -11.33
C ASN A 209 -3.40 -9.00 -10.56
N MET A 210 -2.20 -9.27 -11.06
CA MET A 210 -0.98 -8.81 -10.41
C MET A 210 -0.06 -7.95 -11.26
N THR A 211 -0.45 -7.62 -12.50
CA THR A 211 0.47 -6.94 -13.43
C THR A 211 0.00 -5.68 -14.14
N THR A 212 -1.31 -5.34 -14.11
CA THR A 212 -1.77 -4.18 -14.88
C THR A 212 -1.08 -2.88 -14.45
N VAL A 213 -0.98 -2.68 -13.13
CA VAL A 213 -0.27 -1.55 -12.56
C VAL A 213 1.12 -2.08 -12.21
N PRO A 214 2.21 -1.42 -12.62
CA PRO A 214 2.25 -0.07 -13.20
C PRO A 214 2.44 -0.01 -14.71
N GLU A 215 2.36 -1.17 -15.37
CA GLU A 215 2.50 -1.27 -16.83
C GLU A 215 1.69 -0.20 -17.58
N VAL A 216 0.41 -0.12 -17.28
CA VAL A 216 -0.50 0.86 -17.88
C VAL A 216 -0.06 2.31 -17.64
N VAL A 217 0.44 2.60 -16.44
CA VAL A 217 0.85 3.94 -16.06
C VAL A 217 2.11 4.37 -16.84
N LEU A 218 3.08 3.48 -16.89
CA LEU A 218 4.34 3.74 -17.59
C LEU A 218 4.12 3.92 -19.10
N ALA A 219 3.23 3.11 -19.68
CA ALA A 219 2.91 3.25 -21.11
C ALA A 219 2.36 4.65 -21.40
N LYS A 220 1.46 5.13 -20.55
CA LYS A 220 0.88 6.46 -20.69
C LYS A 220 1.93 7.56 -20.59
N GLU A 221 2.86 7.42 -19.64
CA GLU A 221 3.98 8.37 -19.55
C GLU A 221 4.82 8.40 -20.82
N ALA A 222 5.03 7.24 -21.43
CA ALA A 222 5.80 7.12 -22.67
C ALA A 222 5.04 7.53 -23.94
N GLY A 223 3.77 7.92 -23.80
CA GLY A 223 2.96 8.36 -24.92
C GLY A 223 2.52 7.22 -25.83
N ILE A 224 2.41 6.02 -25.27
CA ILE A 224 2.05 4.83 -26.02
C ILE A 224 0.55 4.54 -25.81
N CYS A 225 -0.13 4.16 -26.91
CA CYS A 225 -1.50 3.68 -26.87
CA CYS A 225 -1.50 3.68 -26.86
C CYS A 225 -1.52 2.29 -26.24
N TYR A 226 -1.97 2.17 -25.01
CA TYR A 226 -1.96 0.90 -24.26
C TYR A 226 -3.36 0.35 -24.08
N ALA A 227 -3.51 -0.95 -24.33
CA ALA A 227 -4.75 -1.66 -24.03
C ALA A 227 -4.47 -3.06 -23.55
N SER A 228 -5.44 -3.62 -22.84
CA SER A 228 -5.29 -4.92 -22.23
C SER A 228 -6.42 -5.88 -22.57
N ILE A 229 -6.04 -7.10 -22.88
CA ILE A 229 -6.95 -8.23 -23.01
C ILE A 229 -6.83 -9.04 -21.71
N ALA A 230 -7.87 -9.03 -20.90
CA ALA A 230 -7.86 -9.82 -19.68
C ALA A 230 -8.74 -11.03 -19.90
N MET A 231 -8.21 -12.21 -19.61
CA MET A 231 -9.02 -13.43 -19.63
C MET A 231 -9.26 -13.94 -18.22
N ALA A 232 -10.53 -14.06 -17.83
CA ALA A 232 -10.89 -14.61 -16.53
C ALA A 232 -10.57 -16.08 -16.49
N THR A 233 -9.90 -16.52 -15.42
CA THR A 233 -9.50 -17.91 -15.26
C THR A 233 -10.11 -18.61 -14.04
N ASP A 234 -10.83 -17.86 -13.21
CA ASP A 234 -11.30 -18.31 -11.92
C ASP A 234 -12.22 -17.26 -11.34
N TYR A 235 -12.84 -17.56 -10.21
CA TYR A 235 -13.68 -16.63 -9.49
C TYR A 235 -13.02 -16.16 -8.18
N ASP A 236 -11.69 -16.07 -8.18
CA ASP A 236 -10.97 -15.67 -6.97
C ASP A 236 -11.47 -16.56 -5.80
N CYS A 237 -11.94 -16.02 -4.67
CA CYS A 237 -12.47 -16.88 -3.59
C CYS A 237 -13.72 -16.32 -2.92
N TRP A 238 -14.41 -15.41 -3.61
CA TRP A 238 -15.58 -14.75 -3.02
C TRP A 238 -16.86 -15.58 -3.04
N LYS A 239 -16.89 -16.66 -3.81
CA LYS A 239 -17.91 -17.71 -3.58
C LYS A 239 -17.47 -18.69 -2.49
N GLU A 240 -18.27 -18.81 -1.43
CA GLU A 240 -17.93 -19.66 -0.29
C GLU A 240 -18.09 -21.14 -0.65
N HIS A 241 -19.13 -21.46 -1.41
CA HIS A 241 -19.42 -22.82 -1.91
C HIS A 241 -18.47 -23.36 -3.02
N GLU A 242 -17.96 -22.47 -3.87
CA GLU A 242 -17.22 -22.90 -5.07
C GLU A 242 -15.74 -23.01 -4.76
N GLU A 243 -15.02 -23.75 -5.61
CA GLU A 243 -13.59 -23.98 -5.42
C GLU A 243 -12.81 -22.69 -5.70
N ALA A 244 -11.99 -22.32 -4.72
CA ALA A 244 -11.24 -21.09 -4.78
C ALA A 244 -10.12 -21.21 -5.83
N VAL A 245 -9.61 -20.05 -6.23
CA VAL A 245 -8.46 -19.96 -7.08
C VAL A 245 -7.22 -20.69 -6.51
N SER A 246 -6.45 -21.27 -7.43
CA SER A 246 -5.13 -21.81 -7.17
C SER A 246 -4.39 -21.73 -8.49
N VAL A 247 -3.08 -21.91 -8.45
CA VAL A 247 -2.28 -21.96 -9.67
C VAL A 247 -2.82 -23.01 -10.65
N ASP A 248 -3.15 -24.20 -10.15
CA ASP A 248 -3.65 -25.27 -11.03
C ASP A 248 -4.99 -24.94 -11.69
N ARG A 249 -5.89 -24.29 -10.96
CA ARG A 249 -7.16 -23.84 -11.53
C ARG A 249 -6.94 -22.80 -12.63
N VAL A 250 -5.98 -21.89 -12.42
CA VAL A 250 -5.68 -20.87 -13.45
C VAL A 250 -5.13 -21.53 -14.72
N LEU A 251 -4.12 -22.39 -14.53
CA LEU A 251 -3.46 -23.08 -15.65
C LEU A 251 -4.43 -23.94 -16.45
N LYS A 252 -5.32 -24.63 -15.74
CA LYS A 252 -6.35 -25.46 -16.38
C LYS A 252 -7.28 -24.64 -17.27
N THR A 253 -7.75 -23.48 -16.78
CA THR A 253 -8.63 -22.63 -17.59
C THR A 253 -7.91 -22.05 -18.80
N LEU A 254 -6.64 -21.65 -18.61
CA LEU A 254 -5.84 -21.14 -19.72
C LEU A 254 -5.63 -22.19 -20.81
N LYS A 255 -5.33 -23.42 -20.40
CA LYS A 255 -5.18 -24.52 -21.37
C LYS A 255 -6.45 -24.72 -22.18
N GLU A 256 -7.59 -24.70 -21.50
CA GLU A 256 -8.90 -24.82 -22.14
C GLU A 256 -9.36 -23.59 -22.95
N ASN A 257 -8.74 -22.42 -22.77
CA ASN A 257 -9.23 -21.17 -23.37
C ASN A 257 -8.23 -20.23 -23.99
N ALA A 258 -6.94 -20.38 -23.78
CA ALA A 258 -5.98 -19.29 -24.11
C ALA A 258 -5.89 -18.98 -25.62
N ASN A 259 -6.08 -20.01 -26.45
CA ASN A 259 -6.37 -19.86 -27.89
C ASN A 259 -7.29 -18.67 -28.27
N LYS A 260 -8.27 -18.38 -27.44
CA LYS A 260 -9.17 -17.23 -27.66
C LYS A 260 -8.42 -15.89 -27.68
N ALA A 261 -7.53 -15.69 -26.70
CA ALA A 261 -6.79 -14.43 -26.61
C ALA A 261 -5.84 -14.28 -27.79
N LYS A 262 -5.20 -15.39 -28.18
CA LYS A 262 -4.32 -15.41 -29.35
C LYS A 262 -5.08 -15.02 -30.62
N SER A 263 -6.22 -15.65 -30.83
CA SER A 263 -7.09 -15.33 -31.97
C SER A 263 -7.53 -13.88 -31.96
N LEU A 264 -7.94 -13.37 -30.81
CA LEU A 264 -8.34 -11.96 -30.68
C LEU A 264 -7.20 -11.04 -31.09
N LEU A 265 -6.01 -11.30 -30.54
CA LEU A 265 -4.82 -10.51 -30.89
C LEU A 265 -4.49 -10.58 -32.38
N LEU A 266 -4.44 -11.80 -32.90
CA LEU A 266 -4.15 -12.03 -34.33
C LEU A 266 -5.06 -11.25 -35.27
N THR A 267 -6.35 -11.26 -34.96
CA THR A 267 -7.34 -10.60 -35.79
C THR A 267 -7.33 -9.08 -35.57
N THR A 268 -6.99 -8.65 -34.34
CA THR A 268 -6.91 -7.23 -34.00
C THR A 268 -5.73 -6.51 -34.64
N ILE A 269 -4.57 -7.17 -34.70
CA ILE A 269 -3.35 -6.55 -35.19
C ILE A 269 -3.48 -5.85 -36.57
N PRO A 270 -3.98 -6.56 -37.61
CA PRO A 270 -4.13 -5.86 -38.90
C PRO A 270 -5.17 -4.73 -38.89
N GLN A 271 -6.22 -4.82 -38.06
CA GLN A 271 -7.18 -3.71 -37.89
C GLN A 271 -6.50 -2.47 -37.32
N ILE A 272 -5.57 -2.66 -36.38
CA ILE A 272 -4.79 -1.54 -35.82
C ILE A 272 -3.87 -0.97 -36.91
N GLY A 273 -3.24 -1.87 -37.67
CA GLY A 273 -2.40 -1.48 -38.80
C GLY A 273 -3.09 -0.60 -39.85
N SER A 274 -4.38 -0.83 -40.08
CA SER A 274 -5.13 -0.10 -41.11
C SER A 274 -6.04 1.03 -40.57
N THR A 275 -5.96 1.32 -39.27
CA THR A 275 -6.69 2.44 -38.67
C THR A 275 -5.80 3.69 -38.66
N GLU A 276 -6.43 4.87 -38.67
CA GLU A 276 -5.74 6.16 -38.57
C GLU A 276 -5.39 6.43 -37.11
N TRP A 277 -4.13 6.82 -36.84
CA TRP A 277 -3.66 7.06 -35.45
C TRP A 277 -3.05 8.43 -35.14
N SER A 278 -2.78 9.26 -36.16
CA SER A 278 -1.93 10.44 -35.95
C SER A 278 -2.47 11.42 -34.91
N GLU A 279 -3.79 11.61 -34.87
CA GLU A 279 -4.43 12.49 -33.88
C GLU A 279 -4.44 11.88 -32.48
N THR A 280 -4.78 10.60 -32.38
CA THR A 280 -4.70 9.85 -31.11
C THR A 280 -3.28 9.93 -30.52
N LEU A 281 -2.28 9.60 -31.34
CA LEU A 281 -0.90 9.62 -30.89
C LEU A 281 -0.41 11.03 -30.56
N HIS A 282 -0.87 12.04 -31.31
CA HIS A 282 -0.54 13.44 -31.02
C HIS A 282 -1.08 13.88 -29.66
N ASN A 283 -2.34 13.56 -29.39
CA ASN A 283 -2.96 13.89 -28.11
C ASN A 283 -2.31 13.15 -26.93
N LEU A 284 -1.95 11.88 -27.12
CA LEU A 284 -1.16 11.14 -26.13
C LEU A 284 0.19 11.77 -25.87
N LYS A 285 0.88 12.17 -26.95
CA LYS A 285 2.17 12.86 -26.84
C LYS A 285 2.05 14.17 -26.06
N ASN A 286 1.03 14.96 -26.39
CA ASN A 286 0.78 16.23 -25.68
C ASN A 286 0.46 16.01 -24.20
N MET A 287 -0.46 15.09 -23.92
CA MET A 287 -0.79 14.73 -22.53
C MET A 287 0.47 14.38 -21.73
N ALA A 288 1.30 13.51 -22.28
CA ALA A 288 2.56 13.09 -21.64
C ALA A 288 3.54 14.25 -21.46
N GLN A 289 3.75 15.02 -22.52
CA GLN A 289 4.66 16.20 -22.48
C GLN A 289 4.23 17.24 -21.43
N PHE A 290 2.96 17.61 -21.43
CA PHE A 290 2.47 18.68 -20.52
C PHE A 290 2.17 18.20 -19.10
N SER A 291 2.41 16.90 -18.81
CA SER A 291 2.35 16.36 -17.46
CA SER A 291 2.35 16.36 -17.46
C SER A 291 3.66 16.54 -16.69
N VAL A 292 4.72 16.94 -17.40
CA VAL A 292 6.05 17.06 -16.83
C VAL A 292 6.31 18.48 -16.30
N LEU A 293 6.72 18.58 -15.04
CA LEU A 293 7.15 19.83 -14.42
C LEU A 293 8.67 19.91 -14.42
N LEU A 294 9.20 21.07 -14.81
CA LEU A 294 10.65 21.32 -14.81
C LEU A 294 10.97 22.54 -13.93
N PRO A 295 12.25 22.69 -13.50
CA PRO A 295 12.67 23.85 -12.69
C PRO A 295 12.24 25.24 -13.21
N ALA B 23 8.05 30.36 23.73
CA ALA B 23 8.51 31.12 22.52
C ALA B 23 8.14 30.38 21.24
N VAL B 24 7.18 30.92 20.48
CA VAL B 24 6.70 30.19 19.30
C VAL B 24 7.69 30.42 18.14
N LYS B 25 7.86 29.39 17.34
CA LYS B 25 8.58 29.50 16.08
C LYS B 25 7.86 28.62 15.07
N ILE B 26 7.44 29.20 13.96
CA ILE B 26 6.57 28.55 12.99
C ILE B 26 7.38 28.08 11.78
N GLY B 27 7.45 26.77 11.60
CA GLY B 27 7.93 26.18 10.34
C GLY B 27 6.84 26.30 9.29
N ILE B 28 7.21 26.73 8.07
CA ILE B 28 6.25 26.93 7.01
C ILE B 28 6.71 26.16 5.78
N ILE B 29 5.90 25.19 5.37
CA ILE B 29 6.23 24.34 4.22
C ILE B 29 5.24 24.67 3.10
N GLY B 30 5.79 24.93 1.92
CA GLY B 30 5.02 25.27 0.75
C GLY B 30 4.50 26.69 0.75
N GLY B 31 5.12 27.58 1.55
CA GLY B 31 4.55 28.90 1.86
C GLY B 31 4.31 29.91 0.75
N THR B 32 4.81 29.62 -0.47
CA THR B 32 4.43 30.30 -1.74
C THR B 32 3.44 31.47 -1.58
N GLY B 33 3.89 32.68 -1.26
CA GLY B 33 5.23 33.26 -1.50
C GLY B 33 5.52 34.24 -0.36
N LEU B 34 5.64 33.67 0.83
CA LEU B 34 6.09 34.40 2.01
C LEU B 34 7.59 34.77 1.96
N ASP B 35 8.39 34.12 1.11
CA ASP B 35 9.80 34.51 0.94
C ASP B 35 9.90 35.76 0.07
N ASP B 36 9.60 36.89 0.70
CA ASP B 36 9.38 38.16 0.03
C ASP B 36 9.96 39.21 0.98
N PRO B 37 10.82 40.12 0.46
CA PRO B 37 11.48 41.10 1.34
C PRO B 37 10.50 42.08 2.03
N GLU B 38 9.35 42.33 1.40
CA GLU B 38 8.29 43.12 2.02
C GLU B 38 7.67 42.41 3.23
N ILE B 39 7.73 41.08 3.26
CA ILE B 39 7.08 40.25 4.29
C ILE B 39 8.04 39.71 5.34
N LEU B 40 9.14 39.11 4.89
CA LEU B 40 10.07 38.39 5.76
C LEU B 40 11.22 39.32 6.16
N GLU B 41 11.29 39.68 7.44
CA GLU B 41 12.32 40.60 7.94
C GLU B 41 13.48 39.79 8.50
N GLY B 42 14.69 40.29 8.31
CA GLY B 42 15.89 39.63 8.82
C GLY B 42 16.23 38.33 8.14
N ARG B 43 15.96 38.25 6.83
CA ARG B 43 16.10 37.01 6.06
C ARG B 43 17.51 36.43 6.12
N THR B 44 17.59 35.16 6.48
CA THR B 44 18.86 34.43 6.62
C THR B 44 18.64 33.04 6.03
N GLU B 45 19.68 32.48 5.40
CA GLU B 45 19.61 31.21 4.72
C GLU B 45 20.53 30.23 5.43
N LYS B 46 20.15 28.95 5.44
CA LYS B 46 20.91 27.93 6.16
C LYS B 46 20.72 26.55 5.51
N TYR B 47 21.83 25.89 5.21
CA TYR B 47 21.83 24.54 4.63
C TYR B 47 22.21 23.64 5.77
N VAL B 48 21.30 22.77 6.17
CA VAL B 48 21.52 21.89 7.32
C VAL B 48 21.63 20.47 6.81
N ASP B 49 22.27 19.61 7.60
CA ASP B 49 22.27 18.17 7.39
C ASP B 49 21.57 17.58 8.61
N THR B 50 21.00 16.38 8.44
CA THR B 50 20.33 15.69 9.52
C THR B 50 20.77 14.24 9.48
N PRO B 51 20.50 13.47 10.55
CA PRO B 51 20.72 12.01 10.50
C PRO B 51 19.98 11.27 9.39
N PHE B 52 18.92 11.87 8.83
CA PHE B 52 18.13 11.29 7.73
C PHE B 52 18.48 11.88 6.36
N GLY B 53 19.57 12.64 6.27
CA GLY B 53 20.01 13.25 5.03
C GLY B 53 19.66 14.72 4.95
N LYS B 54 19.75 15.25 3.74
CA LYS B 54 19.56 16.67 3.49
C LYS B 54 18.08 16.99 3.33
N PRO B 55 17.62 18.10 3.93
CA PRO B 55 16.27 18.59 3.61
C PRO B 55 16.11 18.96 2.14
N SER B 56 14.86 19.13 1.72
CA SER B 56 14.52 19.47 0.34
C SER B 56 15.14 20.76 -0.19
N ASP B 57 15.32 21.73 0.70
CA ASP B 57 15.92 23.01 0.34
C ASP B 57 16.59 23.59 1.57
N ALA B 58 17.25 24.74 1.39
CA ALA B 58 17.75 25.53 2.52
C ALA B 58 16.59 25.95 3.41
N LEU B 59 16.87 26.07 4.70
CA LEU B 59 15.95 26.73 5.63
C LEU B 59 16.14 28.24 5.49
N ILE B 60 15.03 28.97 5.37
CA ILE B 60 15.02 30.43 5.28
C ILE B 60 14.42 30.95 6.58
N LEU B 61 15.25 31.63 7.38
CA LEU B 61 14.86 32.15 8.70
C LEU B 61 14.53 33.63 8.64
N GLY B 62 13.61 34.06 9.50
CA GLY B 62 13.24 35.46 9.57
C GLY B 62 12.00 35.67 10.41
N LYS B 63 11.57 36.92 10.47
CA LYS B 63 10.38 37.31 11.20
C LYS B 63 9.31 37.76 10.24
N ILE B 64 8.11 37.23 10.42
CA ILE B 64 6.93 37.66 9.68
C ILE B 64 5.99 38.20 10.72
N LYS B 65 5.61 39.47 10.59
CA LYS B 65 4.78 40.16 11.57
C LYS B 65 5.26 39.92 13.00
N ASN B 66 6.57 40.02 13.19
CA ASN B 66 7.25 39.86 14.47
C ASN B 66 7.12 38.47 15.13
N VAL B 67 6.91 37.43 14.31
CA VAL B 67 6.94 36.04 14.78
C VAL B 67 8.09 35.35 14.06
N ASP B 68 8.93 34.65 14.81
CA ASP B 68 10.01 33.88 14.21
C ASP B 68 9.41 32.77 13.35
N CYS B 69 9.88 32.69 12.11
CA CYS B 69 9.45 31.69 11.15
C CYS B 69 10.66 31.03 10.50
N VAL B 70 10.43 29.81 10.00
CA VAL B 70 11.43 29.03 9.27
C VAL B 70 10.71 28.50 8.02
N LEU B 71 11.13 28.97 6.85
CA LEU B 71 10.51 28.58 5.60
C LEU B 71 11.29 27.42 4.98
N LEU B 72 10.53 26.46 4.44
CA LEU B 72 11.12 25.31 3.78
C LEU B 72 10.29 24.93 2.57
N ALA B 73 10.87 25.08 1.38
CA ALA B 73 10.24 24.64 0.12
C ALA B 73 10.28 23.11 0.05
N ARG B 74 9.13 22.51 -0.25
CA ARG B 74 8.95 21.05 -0.08
C ARG B 74 9.63 20.23 -1.19
N HIS B 75 9.55 20.70 -2.42
CA HIS B 75 10.10 20.00 -3.59
C HIS B 75 11.37 20.71 -4.12
N GLY B 76 12.04 21.50 -3.27
CA GLY B 76 13.18 22.30 -3.67
C GLY B 76 12.78 23.65 -4.21
N ARG B 77 13.78 24.53 -4.36
CA ARG B 77 13.59 25.88 -4.91
C ARG B 77 13.17 25.90 -6.37
N GLN B 78 13.76 25.02 -7.18
CA GLN B 78 13.35 24.79 -8.57
C GLN B 78 12.86 23.33 -8.81
N HIS B 79 11.84 22.98 -8.03
CA HIS B 79 11.10 21.68 -8.06
C HIS B 79 11.51 20.50 -8.94
N THR B 80 12.44 19.71 -8.45
CA THR B 80 12.90 18.48 -9.13
C THR B 80 12.66 17.12 -8.44
N ILE B 81 11.64 17.01 -7.58
CA ILE B 81 11.48 15.83 -6.73
C ILE B 81 10.01 15.34 -6.75
N MET B 82 9.78 14.06 -7.11
CA MET B 82 8.44 13.48 -6.95
C MET B 82 8.08 13.43 -5.45
N PRO B 83 6.79 13.56 -5.13
CA PRO B 83 6.37 13.48 -3.73
C PRO B 83 6.88 12.24 -3.00
N SER B 84 7.00 11.10 -3.71
CA SER B 84 7.58 9.86 -3.14
C SER B 84 9.00 10.01 -2.62
N LYS B 85 9.77 10.92 -3.19
CA LYS B 85 11.21 11.04 -2.90
C LYS B 85 11.58 12.26 -2.05
N VAL B 86 10.60 13.05 -1.64
CA VAL B 86 10.85 14.18 -0.75
C VAL B 86 11.33 13.60 0.58
N ASN B 87 12.39 14.18 1.12
CA ASN B 87 12.97 13.68 2.36
C ASN B 87 12.20 14.30 3.53
N TYR B 88 11.02 13.75 3.79
CA TYR B 88 10.13 14.26 4.84
C TYR B 88 10.78 14.17 6.21
N GLN B 89 11.49 13.06 6.46
CA GLN B 89 12.21 12.89 7.74
C GLN B 89 13.20 14.02 7.96
N ALA B 90 14.06 14.28 6.97
CA ALA B 90 15.04 15.36 7.08
C ALA B 90 14.36 16.72 7.24
N ASN B 91 13.27 16.95 6.51
CA ASN B 91 12.56 18.24 6.59
C ASN B 91 12.05 18.50 7.99
N ILE B 92 11.34 17.54 8.57
CA ILE B 92 10.76 17.72 9.90
C ILE B 92 11.84 17.74 10.99
N TRP B 93 12.85 16.87 10.86
CA TRP B 93 13.96 16.86 11.80
C TRP B 93 14.65 18.25 11.84
N ALA B 94 14.92 18.79 10.66
CA ALA B 94 15.55 20.11 10.55
C ALA B 94 14.72 21.21 11.19
N LEU B 95 13.42 21.20 10.94
CA LEU B 95 12.53 22.20 11.54
C LEU B 95 12.48 22.05 13.06
N LYS B 96 12.44 20.80 13.55
CA LYS B 96 12.48 20.54 14.98
C LYS B 96 13.78 21.06 15.60
N GLU B 97 14.89 20.81 14.92
CA GLU B 97 16.22 21.23 15.40
C GLU B 97 16.40 22.75 15.42
N GLU B 98 15.70 23.46 14.52
CA GLU B 98 15.67 24.92 14.56
C GLU B 98 14.81 25.51 15.69
N GLY B 99 14.07 24.66 16.40
CA GLY B 99 13.23 25.09 17.52
C GLY B 99 11.78 25.36 17.14
N CYS B 100 11.33 24.80 16.02
CA CYS B 100 9.95 25.03 15.61
C CYS B 100 9.00 24.36 16.61
N THR B 101 8.04 25.15 17.08
CA THR B 101 6.96 24.67 17.91
C THR B 101 5.74 24.32 17.09
N HIS B 102 5.60 24.99 15.94
CA HIS B 102 4.49 24.82 15.03
C HIS B 102 5.00 24.60 13.63
N VAL B 103 4.23 23.86 12.84
CA VAL B 103 4.42 23.79 11.39
C VAL B 103 3.07 24.02 10.74
N ILE B 104 3.03 24.97 9.81
CA ILE B 104 1.85 25.17 8.97
C ILE B 104 2.28 24.93 7.54
N VAL B 105 1.57 24.04 6.87
CA VAL B 105 1.88 23.69 5.50
C VAL B 105 0.75 24.13 4.59
N THR B 106 1.10 24.43 3.35
CA THR B 106 0.10 24.67 2.34
C THR B 106 0.27 23.57 1.30
N THR B 107 -0.86 23.09 0.77
CA THR B 107 -0.85 22.10 -0.28
C THR B 107 -2.00 22.36 -1.24
N ALA B 108 -1.77 22.12 -2.52
CA ALA B 108 -2.87 21.98 -3.48
C ALA B 108 -3.50 20.60 -3.27
N CYS B 109 -4.72 20.43 -3.76
CA CYS B 109 -5.40 19.16 -3.68
C CYS B 109 -6.53 19.08 -4.67
N GLY B 110 -6.97 17.86 -4.98
CA GLY B 110 -8.17 17.63 -5.74
C GLY B 110 -9.34 17.56 -4.79
N SER B 111 -10.50 18.00 -5.27
CA SER B 111 -11.74 17.86 -4.53
C SER B 111 -12.45 16.58 -4.93
N LEU B 112 -12.89 15.82 -3.92
CA LEU B 112 -13.70 14.64 -4.09
C LEU B 112 -15.16 14.88 -3.71
N ARG B 113 -15.54 16.15 -3.50
CA ARG B 113 -16.90 16.52 -3.08
C ARG B 113 -17.37 17.72 -3.87
N GLU B 114 -18.61 17.67 -4.37
CA GLU B 114 -19.16 18.80 -5.15
C GLU B 114 -19.03 20.12 -4.40
N GLU B 115 -19.34 20.09 -3.11
CA GLU B 115 -19.32 21.28 -2.27
C GLU B 115 -17.96 21.95 -2.07
N ILE B 116 -16.88 21.17 -2.24
CA ILE B 116 -15.52 21.72 -2.22
C ILE B 116 -15.16 22.09 -3.64
N GLN B 117 -15.30 23.36 -3.96
CA GLN B 117 -15.07 23.84 -5.33
C GLN B 117 -13.60 24.23 -5.49
N PRO B 118 -13.09 24.16 -6.72
CA PRO B 118 -11.74 24.69 -6.96
C PRO B 118 -11.61 26.15 -6.51
N GLY B 119 -10.52 26.45 -5.81
CA GLY B 119 -10.34 27.74 -5.17
C GLY B 119 -10.61 27.74 -3.69
N ASP B 120 -11.45 26.79 -3.22
CA ASP B 120 -11.79 26.69 -1.81
C ASP B 120 -10.60 26.22 -1.00
N ILE B 121 -10.51 26.72 0.22
CA ILE B 121 -9.55 26.27 1.22
C ILE B 121 -10.26 25.22 2.10
N VAL B 122 -9.50 24.20 2.49
CA VAL B 122 -10.01 23.18 3.40
C VAL B 122 -9.00 23.07 4.52
N ILE B 123 -9.47 23.28 5.74
CA ILE B 123 -8.62 23.14 6.92
C ILE B 123 -8.80 21.70 7.38
N ILE B 124 -8.00 20.82 6.76
CA ILE B 124 -8.16 19.37 6.95
C ILE B 124 -7.93 18.95 8.39
N ASP B 125 -8.72 17.97 8.83
CA ASP B 125 -8.60 17.43 10.19
C ASP B 125 -8.33 15.93 10.27
N GLN B 126 -8.38 15.23 9.14
CA GLN B 126 -8.04 13.82 9.08
C GLN B 126 -7.31 13.49 7.80
N PHE B 127 -6.70 12.31 7.78
CA PHE B 127 -6.14 11.77 6.56
C PHE B 127 -6.43 10.28 6.42
N ILE B 128 -6.31 9.82 5.19
CA ILE B 128 -6.28 8.41 4.84
C ILE B 128 -4.99 8.19 4.05
N ASP B 129 -4.18 7.25 4.52
CA ASP B 129 -2.89 6.99 3.88
C ASP B 129 -3.06 6.03 2.72
N ARG B 130 -2.70 6.46 1.52
CA ARG B 130 -2.59 5.55 0.37
C ARG B 130 -1.15 5.50 -0.15
N THR B 131 -0.20 5.98 0.64
CA THR B 131 1.21 5.90 0.27
C THR B 131 1.75 4.50 0.54
N THR B 132 2.80 4.14 -0.16
CA THR B 132 3.40 2.82 0.01
C THR B 132 4.92 2.86 0.21
N MET B 133 5.61 3.88 -0.27
CA MET B 133 7.07 3.85 -0.34
C MET B 133 7.76 4.62 0.79
N ARG B 134 7.00 5.12 1.76
CA ARG B 134 7.48 6.23 2.57
C ARG B 134 7.79 5.88 4.01
N PRO B 135 9.02 6.16 4.45
CA PRO B 135 9.32 6.07 5.88
C PRO B 135 8.43 7.03 6.66
N GLN B 136 7.79 6.54 7.72
CA GLN B 136 6.84 7.33 8.49
C GLN B 136 7.22 7.52 9.94
N SER B 137 8.44 7.12 10.32
CA SER B 137 8.89 7.26 11.69
C SER B 137 10.36 7.66 11.69
N PHE B 138 10.73 8.43 12.70
CA PHE B 138 12.14 8.69 12.99
C PHE B 138 12.79 7.48 13.68
N TYR B 139 11.97 6.67 14.35
CA TYR B 139 12.47 5.60 15.23
C TYR B 139 12.55 4.29 14.46
N ASP B 140 13.49 4.24 13.52
CA ASP B 140 13.58 3.17 12.52
C ASP B 140 14.62 2.08 12.84
N GLY B 141 15.18 2.10 14.06
CA GLY B 141 16.20 1.14 14.48
C GLY B 141 17.61 1.37 13.93
N SER B 142 17.82 2.45 13.17
CA SER B 142 19.10 2.74 12.50
C SER B 142 19.67 4.11 12.81
N HIS B 143 19.11 4.81 13.76
CA HIS B 143 19.51 6.19 14.07
C HIS B 143 19.58 6.28 15.59
N SER B 144 20.79 6.46 16.15
CA SER B 144 20.89 6.52 17.60
C SER B 144 20.40 7.83 18.27
N CYS B 145 19.99 8.84 17.49
CA CYS B 145 19.26 10.01 18.02
C CYS B 145 17.75 9.79 18.09
N ALA B 146 17.29 8.65 17.56
CA ALA B 146 15.90 8.21 17.69
C ALA B 146 15.90 6.70 17.93
N ARG B 147 16.24 6.32 19.16
CA ARG B 147 16.33 4.92 19.57
C ARG B 147 14.98 4.41 20.06
N GLY B 148 14.73 3.11 19.83
CA GLY B 148 13.51 2.46 20.28
C GLY B 148 12.47 2.34 19.17
N VAL B 149 11.22 2.04 19.55
CA VAL B 149 10.10 1.98 18.59
C VAL B 149 9.03 2.94 19.02
N CYS B 150 8.56 3.78 18.10
CA CYS B 150 7.55 4.77 18.40
C CYS B 150 6.23 4.39 17.73
N HIS B 151 5.17 4.32 18.53
CA HIS B 151 3.81 4.13 18.00
C HIS B 151 2.96 5.38 18.34
N ILE B 152 3.04 6.36 17.48
CA ILE B 152 2.42 7.65 17.71
C ILE B 152 0.88 7.57 17.49
N PRO B 153 0.08 8.14 18.40
CA PRO B 153 -1.37 8.20 18.16
C PRO B 153 -1.69 9.15 17.02
N MET B 154 -2.67 8.80 16.20
CA MET B 154 -3.09 9.59 15.06
C MET B 154 -4.58 9.89 15.06
N ALA B 155 -5.24 9.75 16.21
CA ALA B 155 -6.67 10.03 16.33
C ALA B 155 -6.99 11.47 15.90
N GLU B 156 -6.12 12.39 16.31
CA GLU B 156 -6.24 13.80 15.98
C GLU B 156 -4.90 14.24 15.36
N PRO B 157 -4.70 14.01 14.05
CA PRO B 157 -3.37 14.28 13.49
C PRO B 157 -3.00 15.76 13.39
N PHE B 158 -4.00 16.65 13.33
CA PHE B 158 -3.75 18.06 13.09
C PHE B 158 -4.08 18.88 14.34
N CYS B 159 -3.23 19.85 14.63
CA CYS B 159 -3.31 20.65 15.85
CA CYS B 159 -3.32 20.65 15.86
C CYS B 159 -4.64 21.41 15.91
N PRO B 160 -5.53 21.05 16.87
CA PRO B 160 -6.86 21.72 16.92
C PRO B 160 -6.85 23.24 17.08
N LYS B 161 -5.96 23.77 17.90
CA LYS B 161 -5.95 25.22 18.16
C LYS B 161 -5.48 26.00 16.97
N THR B 162 -4.45 25.51 16.26
CA THR B 162 -4.03 26.13 15.01
C THR B 162 -5.16 26.10 13.97
N ARG B 163 -5.83 24.96 13.85
CA ARG B 163 -6.93 24.84 12.92
C ARG B 163 -8.05 25.85 13.24
N GLU B 164 -8.36 26.01 14.52
CA GLU B 164 -9.40 26.97 14.93
C GLU B 164 -9.05 28.41 14.51
N VAL B 165 -7.79 28.78 14.70
CA VAL B 165 -7.30 30.09 14.29
C VAL B 165 -7.38 30.25 12.76
N LEU B 166 -6.96 29.21 12.02
CA LEU B 166 -7.07 29.23 10.57
C LEU B 166 -8.52 29.42 10.11
N ILE B 167 -9.44 28.68 10.73
CA ILE B 167 -10.86 28.76 10.38
C ILE B 167 -11.41 30.16 10.65
N GLU B 168 -11.10 30.67 11.83
CA GLU B 168 -11.57 32.00 12.25
C GLU B 168 -11.02 33.09 11.32
N THR B 169 -9.72 33.00 11.02
CA THR B 169 -9.05 33.96 10.17
C THR B 169 -9.62 33.95 8.75
N ALA B 170 -9.84 32.77 8.19
CA ALA B 170 -10.47 32.64 6.87
C ALA B 170 -11.85 33.30 6.81
N LYS B 171 -12.63 33.13 7.87
CA LYS B 171 -13.95 33.76 7.97
C LYS B 171 -13.83 35.28 7.93
N LYS B 172 -12.91 35.83 8.72
CA LYS B 172 -12.64 37.27 8.76
C LYS B 172 -12.19 37.83 7.42
N LEU B 173 -11.39 37.06 6.69
CA LEU B 173 -10.92 37.45 5.37
C LEU B 173 -11.97 37.27 4.26
N GLY B 174 -13.12 36.67 4.57
CA GLY B 174 -14.18 36.42 3.57
C GLY B 174 -13.88 35.28 2.61
N LEU B 175 -12.95 34.40 2.98
CA LEU B 175 -12.52 33.32 2.10
C LEU B 175 -13.48 32.15 2.12
N ARG B 176 -13.65 31.51 0.96
CA ARG B 176 -14.36 30.24 0.89
C ARG B 176 -13.52 29.19 1.59
N CYS B 177 -14.04 28.62 2.66
CA CYS B 177 -13.25 27.76 3.53
C CYS B 177 -14.10 26.69 4.20
N HIS B 178 -13.61 25.46 4.15
CA HIS B 178 -14.26 24.33 4.83
C HIS B 178 -13.53 24.03 6.12
N SER B 179 -14.30 23.94 7.19
CA SER B 179 -13.76 23.82 8.54
C SER B 179 -13.26 22.42 8.90
N LYS B 180 -13.55 21.42 8.08
CA LYS B 180 -12.96 20.11 8.24
C LYS B 180 -12.83 19.40 6.91
N GLY B 181 -12.11 18.29 6.90
CA GLY B 181 -12.00 17.47 5.71
C GLY B 181 -10.96 16.39 5.85
N THR B 182 -11.20 15.27 5.17
CA THR B 182 -10.32 14.14 5.19
C THR B 182 -9.50 14.13 3.90
N MET B 183 -8.18 14.23 4.05
CA MET B 183 -7.26 14.16 2.92
C MET B 183 -6.80 12.72 2.67
N VAL B 184 -7.01 12.21 1.47
CA VAL B 184 -6.37 10.96 1.08
C VAL B 184 -5.05 11.33 0.39
N THR B 185 -3.96 10.79 0.89
CA THR B 185 -2.65 11.01 0.29
C THR B 185 -2.25 9.78 -0.52
N ILE B 186 -2.11 9.98 -1.82
CA ILE B 186 -1.73 8.92 -2.73
C ILE B 186 -0.22 8.95 -2.96
N GLU B 187 0.34 7.84 -3.40
CA GLU B 187 1.79 7.72 -3.58
C GLU B 187 2.25 8.62 -4.70
N GLY B 188 1.49 8.63 -5.79
CA GLY B 188 1.85 9.38 -6.99
C GLY B 188 3.08 8.74 -7.63
N PRO B 189 3.71 9.42 -8.58
CA PRO B 189 3.36 10.77 -9.01
C PRO B 189 2.15 10.89 -9.94
N ARG B 190 1.68 9.77 -10.47
CA ARG B 190 0.46 9.74 -11.28
C ARG B 190 -0.73 10.26 -10.51
N PHE B 191 -1.67 10.83 -11.24
CA PHE B 191 -3.01 11.07 -10.68
C PHE B 191 -3.77 9.77 -10.59
N SER B 192 -4.90 9.81 -9.89
CA SER B 192 -5.74 8.66 -9.67
C SER B 192 -6.54 8.28 -10.92
N SER B 193 -6.85 6.99 -11.03
CA SER B 193 -7.83 6.53 -12.01
C SER B 193 -9.24 6.97 -11.59
N ARG B 194 -10.18 6.94 -12.50
CA ARG B 194 -11.57 7.23 -12.13
C ARG B 194 -12.14 6.21 -11.14
N ALA B 195 -11.81 4.92 -11.30
CA ALA B 195 -12.27 3.92 -10.32
C ALA B 195 -11.71 4.21 -8.92
N GLU B 196 -10.45 4.64 -8.87
CA GLU B 196 -9.86 5.05 -7.60
C GLU B 196 -10.57 6.29 -7.00
N SER B 197 -10.85 7.27 -7.84
CA SER B 197 -11.47 8.50 -7.40
C SER B 197 -12.84 8.21 -6.75
N PHE B 198 -13.64 7.39 -7.42
CA PHE B 198 -14.94 6.99 -6.88
C PHE B 198 -14.82 6.19 -5.58
N MET B 199 -13.86 5.27 -5.54
CA MET B 199 -13.60 4.49 -4.35
C MET B 199 -13.22 5.36 -3.14
N PHE B 200 -12.33 6.34 -3.36
CA PHE B 200 -11.93 7.24 -2.28
C PHE B 200 -13.12 8.00 -1.71
N ARG B 201 -14.05 8.41 -2.58
CA ARG B 201 -15.31 9.00 -2.11
C ARG B 201 -16.08 8.06 -1.17
N THR B 202 -16.18 6.77 -1.53
CA THR B 202 -16.88 5.81 -0.66
C THR B 202 -16.13 5.56 0.66
N TRP B 203 -14.81 5.76 0.68
CA TRP B 203 -14.04 5.64 1.91
C TRP B 203 -14.19 6.82 2.87
N GLY B 204 -14.78 7.92 2.42
CA GLY B 204 -14.94 9.11 3.25
C GLY B 204 -13.89 10.20 3.01
N ALA B 205 -13.06 10.05 1.98
CA ALA B 205 -12.10 11.08 1.65
C ALA B 205 -12.81 12.24 0.98
N ASP B 206 -12.38 13.46 1.34
CA ASP B 206 -12.96 14.69 0.79
C ASP B 206 -12.05 15.42 -0.19
N VAL B 207 -10.75 15.33 0.04
CA VAL B 207 -9.76 15.94 -0.82
C VAL B 207 -8.61 14.95 -1.00
N ILE B 208 -7.78 15.19 -2.02
CA ILE B 208 -6.74 14.26 -2.41
C ILE B 208 -5.43 14.97 -2.75
N ASN B 209 -4.32 14.45 -2.23
CA ASN B 209 -3.02 15.03 -2.53
C ASN B 209 -1.92 13.97 -2.50
N MET B 210 -0.66 14.40 -2.56
CA MET B 210 0.47 13.48 -2.55
C MET B 210 1.49 13.71 -1.43
N THR B 211 1.25 14.66 -0.52
CA THR B 211 2.27 15.03 0.47
C THR B 211 1.89 15.07 1.95
N THR B 212 0.60 15.01 2.31
CA THR B 212 0.23 15.13 3.72
C THR B 212 0.86 14.03 4.58
N VAL B 213 0.81 12.79 4.10
CA VAL B 213 1.45 11.66 4.76
C VAL B 213 2.79 11.47 4.05
N PRO B 214 3.91 11.37 4.76
CA PRO B 214 4.03 11.20 6.21
C PRO B 214 4.40 12.46 6.99
N GLU B 215 4.42 13.61 6.32
CA GLU B 215 4.70 14.91 6.94
C GLU B 215 3.98 15.10 8.29
N VAL B 216 2.66 14.93 8.28
CA VAL B 216 1.84 15.06 9.48
C VAL B 216 2.24 14.06 10.59
N VAL B 217 2.59 12.84 10.20
CA VAL B 217 2.96 11.78 11.15
C VAL B 217 4.29 12.12 11.84
N LEU B 218 5.27 12.51 11.04
CA LEU B 218 6.60 12.85 11.55
C LEU B 218 6.55 14.07 12.46
N ALA B 219 5.74 15.07 12.10
CA ALA B 219 5.56 16.26 12.96
C ALA B 219 5.04 15.87 14.34
N LYS B 220 4.07 14.96 14.39
CA LYS B 220 3.51 14.47 15.65
C LYS B 220 4.57 13.73 16.47
N GLU B 221 5.38 12.91 15.83
CA GLU B 221 6.50 12.25 16.52
C GLU B 221 7.47 13.25 17.13
N ALA B 222 7.73 14.35 16.42
CA ALA B 222 8.62 15.42 16.90
C ALA B 222 7.99 16.35 17.94
N GLY B 223 6.72 16.16 18.27
CA GLY B 223 6.03 16.99 19.26
C GLY B 223 5.70 18.38 18.75
N ILE B 224 5.50 18.51 17.44
CA ILE B 224 5.22 19.78 16.80
C ILE B 224 3.71 19.90 16.53
N CYS B 225 3.17 21.09 16.81
CA CYS B 225 1.79 21.44 16.46
CA CYS B 225 1.79 21.44 16.46
C CYS B 225 1.71 21.63 14.94
N TYR B 226 1.09 20.67 14.25
CA TYR B 226 1.05 20.69 12.77
C TYR B 226 -0.35 20.95 12.26
N ALA B 227 -0.46 21.85 11.28
CA ALA B 227 -1.73 22.07 10.59
C ALA B 227 -1.51 22.33 9.12
N SER B 228 -2.55 22.12 8.35
CA SER B 228 -2.47 22.20 6.90
C SER B 228 -3.56 23.09 6.31
N ILE B 229 -3.13 23.93 5.38
CA ILE B 229 -4.02 24.69 4.52
C ILE B 229 -4.05 23.97 3.17
N ALA B 230 -5.19 23.37 2.84
CA ALA B 230 -5.32 22.71 1.56
C ALA B 230 -6.15 23.58 0.65
N MET B 231 -5.66 23.84 -0.57
CA MET B 231 -6.47 24.55 -1.56
C MET B 231 -6.87 23.60 -2.68
N ALA B 232 -8.16 23.45 -2.89
CA ALA B 232 -8.69 22.63 -4.00
C ALA B 232 -8.37 23.31 -5.31
N THR B 233 -7.85 22.54 -6.26
CA THR B 233 -7.44 23.07 -7.57
C THR B 233 -8.18 22.42 -8.75
N ASP B 234 -8.99 21.40 -8.47
CA ASP B 234 -9.61 20.56 -9.48
C ASP B 234 -10.59 19.63 -8.79
N TYR B 235 -11.34 18.89 -9.57
CA TYR B 235 -12.27 17.87 -9.07
C TYR B 235 -11.75 16.46 -9.37
N ASP B 236 -10.44 16.28 -9.37
CA ASP B 236 -9.83 14.98 -9.69
C ASP B 236 -10.44 14.50 -11.02
N CYS B 237 -11.03 13.30 -11.10
CA CYS B 237 -11.68 12.88 -12.35
C CYS B 237 -13.01 12.16 -12.14
N TRP B 238 -13.63 12.34 -10.97
CA TRP B 238 -14.88 11.66 -10.66
C TRP B 238 -16.12 12.38 -11.31
N LYS B 239 -15.95 13.63 -11.69
CA LYS B 239 -17.14 14.49 -11.78
C LYS B 239 -17.51 14.67 -13.23
N GLU B 240 -18.77 14.35 -13.56
CA GLU B 240 -19.39 14.83 -14.81
C GLU B 240 -19.29 16.35 -15.20
N HIS B 241 -19.01 16.53 -16.47
CA HIS B 241 -18.95 17.85 -17.13
C HIS B 241 -17.74 18.74 -16.82
N GLU B 242 -16.89 18.40 -15.83
CA GLU B 242 -15.68 19.18 -15.56
C GLU B 242 -14.53 18.66 -16.40
N GLU B 243 -13.52 19.50 -16.63
CA GLU B 243 -12.23 19.00 -17.15
C GLU B 243 -11.54 18.23 -16.04
N ALA B 244 -11.11 17.00 -16.34
CA ALA B 244 -10.39 16.19 -15.38
C ALA B 244 -9.01 16.77 -15.07
N VAL B 245 -8.47 16.37 -13.94
CA VAL B 245 -7.22 16.94 -13.46
C VAL B 245 -6.04 16.71 -14.42
N SER B 246 -5.16 17.69 -14.47
CA SER B 246 -3.87 17.60 -15.13
C SER B 246 -2.99 18.65 -14.44
N VAL B 247 -1.69 18.58 -14.69
CA VAL B 247 -0.77 19.57 -14.14
C VAL B 247 -1.20 21.00 -14.55
N ASP B 248 -1.56 21.21 -15.81
CA ASP B 248 -1.97 22.54 -16.27
C ASP B 248 -3.23 23.06 -15.61
N ARG B 249 -4.20 22.18 -15.38
CA ARG B 249 -5.41 22.56 -14.64
C ARG B 249 -5.10 22.97 -13.21
N VAL B 250 -4.18 22.26 -12.55
CA VAL B 250 -3.78 22.60 -11.19
C VAL B 250 -3.10 23.98 -11.15
N LEU B 251 -2.11 24.15 -12.03
CA LEU B 251 -1.34 25.40 -12.10
C LEU B 251 -2.22 26.60 -12.42
N LYS B 252 -3.17 26.42 -13.32
CA LYS B 252 -4.11 27.47 -13.68
C LYS B 252 -4.96 27.92 -12.48
N THR B 253 -5.49 26.97 -11.71
CA THR B 253 -6.29 27.31 -10.53
C THR B 253 -5.46 28.00 -9.46
N LEU B 254 -4.22 27.54 -9.26
CA LEU B 254 -3.31 28.15 -8.31
C LEU B 254 -2.97 29.59 -8.69
N LYS B 255 -2.71 29.83 -9.97
CA LYS B 255 -2.46 31.21 -10.45
C LYS B 255 -3.64 32.11 -10.17
N GLU B 256 -4.85 31.62 -10.43
CA GLU B 256 -6.08 32.36 -10.16
C GLU B 256 -6.46 32.49 -8.67
N ASN B 257 -5.87 31.69 -7.78
CA ASN B 257 -6.30 31.63 -6.37
C ASN B 257 -5.23 31.63 -5.30
N ALA B 258 -3.96 31.38 -5.59
CA ALA B 258 -2.99 31.05 -4.52
C ALA B 258 -2.73 32.19 -3.51
N ASN B 259 -2.82 33.43 -4.00
CA ASN B 259 -2.95 34.63 -3.16
C ASN B 259 -3.82 34.46 -1.89
N LYS B 260 -4.91 33.70 -1.99
CA LYS B 260 -5.76 33.40 -0.82
C LYS B 260 -5.03 32.70 0.31
N ALA B 261 -4.24 31.66 -0.03
CA ALA B 261 -3.51 30.90 0.98
C ALA B 261 -2.45 31.76 1.65
N LYS B 262 -1.77 32.58 0.84
CA LYS B 262 -0.77 33.52 1.36
C LYS B 262 -1.39 34.50 2.35
N SER B 263 -2.51 35.11 1.96
CA SER B 263 -3.24 36.03 2.83
C SER B 263 -3.68 35.35 4.13
N LEU B 264 -4.23 34.13 4.02
CA LEU B 264 -4.65 33.38 5.20
C LEU B 264 -3.46 33.14 6.14
N LEU B 265 -2.35 32.69 5.59
CA LEU B 265 -1.13 32.47 6.38
C LEU B 265 -0.61 33.75 7.04
N LEU B 266 -0.52 34.82 6.24
CA LEU B 266 -0.05 36.11 6.74
C LEU B 266 -0.85 36.60 7.94
N THR B 267 -2.16 36.49 7.85
CA THR B 267 -3.05 36.96 8.91
C THR B 267 -3.06 35.99 10.10
N THR B 268 -2.88 34.69 9.84
CA THR B 268 -2.81 33.66 10.87
C THR B 268 -1.56 33.73 11.74
N ILE B 269 -0.40 33.98 11.12
CA ILE B 269 0.88 33.94 11.85
C ILE B 269 0.92 34.79 13.15
N PRO B 270 0.56 36.08 13.09
CA PRO B 270 0.56 36.85 14.35
C PRO B 270 -0.45 36.36 15.40
N GLN B 271 -1.60 35.81 14.97
CA GLN B 271 -2.57 35.21 15.91
C GLN B 271 -1.96 34.01 16.65
N ILE B 272 -1.15 33.21 15.95
CA ILE B 272 -0.43 32.09 16.57
C ILE B 272 0.61 32.63 17.55
N GLY B 273 1.32 33.67 17.12
CA GLY B 273 2.30 34.37 17.97
C GLY B 273 1.75 34.87 19.30
N SER B 274 0.50 35.33 19.30
CA SER B 274 -0.11 35.93 20.50
C SER B 274 -1.08 35.00 21.26
N THR B 275 -1.17 33.72 20.86
CA THR B 275 -1.96 32.71 21.57
C THR B 275 -1.07 31.99 22.60
N GLU B 276 -1.68 31.49 23.67
CA GLU B 276 -1.00 30.69 24.69
C GLU B 276 -0.83 29.25 24.18
N TRP B 277 0.36 28.68 24.30
CA TRP B 277 0.65 27.32 23.79
C TRP B 277 1.24 26.31 24.78
N SER B 278 1.63 26.73 25.99
CA SER B 278 2.48 25.90 26.86
C SER B 278 1.84 24.54 27.22
N GLU B 279 0.52 24.54 27.45
CA GLU B 279 -0.20 23.29 27.76
C GLU B 279 -0.37 22.40 26.54
N THR B 280 -0.74 22.99 25.40
CA THR B 280 -0.81 22.27 24.12
C THR B 280 0.52 21.60 23.79
N LEU B 281 1.61 22.37 23.85
CA LEU B 281 2.93 21.85 23.55
C LEU B 281 3.41 20.82 24.57
N HIS B 282 3.05 21.00 25.84
CA HIS B 282 3.37 20.03 26.88
C HIS B 282 2.68 18.68 26.64
N ASN B 283 1.40 18.72 26.31
CA ASN B 283 0.64 17.50 25.98
C ASN B 283 1.15 16.80 24.71
N LEU B 284 1.52 17.58 23.70
CA LEU B 284 2.17 17.01 22.50
C LEU B 284 3.50 16.36 22.83
N LYS B 285 4.30 17.03 23.67
CA LYS B 285 5.58 16.46 24.12
C LYS B 285 5.38 15.14 24.87
N ASN B 286 4.42 15.12 25.81
CA ASN B 286 4.09 13.90 26.56
C ASN B 286 3.60 12.76 25.65
N MET B 287 2.66 13.08 24.76
CA MET B 287 2.17 12.08 23.79
C MET B 287 3.33 11.46 23.01
N ALA B 288 4.22 12.29 22.47
CA ALA B 288 5.39 11.82 21.72
C ALA B 288 6.35 10.99 22.57
N GLN B 289 6.67 11.49 23.76
CA GLN B 289 7.58 10.80 24.69
C GLN B 289 7.05 9.41 25.11
N PHE B 290 5.78 9.33 25.51
CA PHE B 290 5.22 8.08 26.01
C PHE B 290 4.74 7.11 24.91
N SER B 291 4.94 7.49 23.63
CA SER B 291 4.71 6.59 22.50
CA SER B 291 4.71 6.59 22.50
C SER B 291 5.93 5.73 22.18
N VAL B 292 7.07 6.04 22.80
CA VAL B 292 8.32 5.35 22.53
C VAL B 292 8.54 4.17 23.50
N LEU B 293 8.77 2.99 22.94
CA LEU B 293 9.16 1.79 23.71
C LEU B 293 10.67 1.62 23.66
N LEU B 294 11.26 1.33 24.83
CA LEU B 294 12.68 1.00 24.96
C LEU B 294 12.81 -0.37 25.63
N PRO B 295 14.01 -1.01 25.57
CA PRO B 295 14.26 -2.29 26.26
C PRO B 295 13.86 -2.35 27.76
N ALA C 23 3.29 -36.84 13.89
CA ALA C 23 3.87 -36.24 15.13
C ALA C 23 3.67 -34.72 15.14
N VAL C 24 2.81 -34.22 16.01
CA VAL C 24 2.56 -32.78 16.04
C VAL C 24 3.68 -32.07 16.80
N LYS C 25 4.02 -30.89 16.34
CA LYS C 25 4.92 -30.00 17.04
C LYS C 25 4.39 -28.57 16.84
N ILE C 26 4.14 -27.87 17.94
CA ILE C 26 3.46 -26.58 17.92
C ILE C 26 4.46 -25.44 18.11
N GLY C 27 4.62 -24.62 17.07
CA GLY C 27 5.33 -23.35 17.18
C GLY C 27 4.40 -22.34 17.85
N ILE C 28 4.94 -21.58 18.80
CA ILE C 28 4.13 -20.61 19.55
C ILE C 28 4.82 -19.26 19.50
N ILE C 29 4.15 -18.27 18.90
CA ILE C 29 4.68 -16.93 18.76
C ILE C 29 3.87 -15.99 19.65
N GLY C 30 4.58 -15.22 20.46
CA GLY C 30 4.00 -14.32 21.44
C GLY C 30 3.41 -15.03 22.65
N GLY C 31 3.89 -16.24 22.93
CA GLY C 31 3.33 -17.13 23.95
C GLY C 31 3.44 -16.77 25.44
N THR C 32 3.06 -15.52 25.74
CA THR C 32 2.77 -15.01 27.10
C THR C 32 2.98 -16.01 28.25
N GLY C 33 4.23 -16.11 28.72
CA GLY C 33 4.52 -16.83 29.93
C GLY C 33 4.46 -18.35 29.90
N LEU C 34 4.43 -18.97 28.70
CA LEU C 34 4.61 -20.42 28.61
C LEU C 34 6.05 -20.88 28.89
N ASP C 35 7.02 -19.97 28.77
CA ASP C 35 8.42 -20.27 29.12
C ASP C 35 8.57 -20.20 30.64
N ASP C 36 8.13 -21.28 31.28
CA ASP C 36 8.00 -21.36 32.72
C ASP C 36 8.40 -22.79 33.09
N PRO C 37 9.32 -22.95 34.06
CA PRO C 37 9.81 -24.30 34.38
C PRO C 37 8.73 -25.25 34.93
N GLU C 38 7.69 -24.69 35.56
CA GLU C 38 6.53 -25.46 35.99
C GLU C 38 5.72 -26.02 34.80
N ILE C 39 5.79 -25.36 33.65
CA ILE C 39 4.97 -25.68 32.46
C ILE C 39 5.76 -26.42 31.37
N LEU C 40 6.94 -25.89 31.03
CA LEU C 40 7.73 -26.40 29.93
C LEU C 40 8.77 -27.40 30.41
N GLU C 41 8.60 -28.66 30.02
CA GLU C 41 9.50 -29.74 30.48
C GLU C 41 10.56 -29.97 29.43
N GLY C 42 11.78 -30.26 29.88
CA GLY C 42 12.92 -30.46 29.00
C GLY C 42 13.37 -29.20 28.29
N ARG C 43 13.28 -28.05 28.95
CA ARG C 43 13.55 -26.74 28.34
C ARG C 43 14.96 -26.67 27.75
N THR C 44 15.03 -26.26 26.49
CA THR C 44 16.28 -26.12 25.76
C THR C 44 16.19 -24.83 24.97
N GLU C 45 17.30 -24.12 24.87
CA GLU C 45 17.36 -22.82 24.18
C GLU C 45 18.26 -23.02 22.96
N LYS C 46 17.93 -22.34 21.87
CA LYS C 46 18.65 -22.53 20.61
C LYS C 46 18.59 -21.26 19.75
N TYR C 47 19.77 -20.80 19.34
CA TYR C 47 19.90 -19.64 18.45
C TYR C 47 20.17 -20.20 17.08
N VAL C 48 19.24 -19.99 16.16
CA VAL C 48 19.33 -20.60 14.84
C VAL C 48 19.57 -19.50 13.83
N ASP C 49 20.11 -19.87 12.68
CA ASP C 49 20.20 -19.00 11.53
C ASP C 49 19.35 -19.66 10.43
N THR C 50 18.89 -18.85 9.49
CA THR C 50 18.10 -19.34 8.36
C THR C 50 18.62 -18.68 7.10
N PRO C 51 18.22 -19.17 5.92
CA PRO C 51 18.53 -18.46 4.67
C PRO C 51 18.01 -17.03 4.58
N PHE C 52 17.01 -16.67 5.40
CA PHE C 52 16.46 -15.30 5.47
C PHE C 52 16.99 -14.47 6.64
N GLY C 53 18.02 -14.96 7.33
CA GLY C 53 18.62 -14.26 8.45
C GLY C 53 18.20 -14.83 9.78
N LYS C 54 18.46 -14.07 10.84
CA LYS C 54 18.20 -14.53 12.19
C LYS C 54 16.75 -14.29 12.60
N PRO C 55 16.13 -15.29 13.26
CA PRO C 55 14.85 -15.03 13.90
C PRO C 55 14.92 -13.93 14.97
N SER C 56 13.75 -13.44 15.37
CA SER C 56 13.63 -12.39 16.37
C SER C 56 14.23 -12.71 17.73
N ASP C 57 14.22 -13.98 18.11
CA ASP C 57 14.76 -14.41 19.40
C ASP C 57 15.22 -15.86 19.28
N ALA C 58 15.80 -16.39 20.36
CA ALA C 58 16.09 -17.81 20.45
C ALA C 58 14.81 -18.61 20.37
N LEU C 59 14.91 -19.83 19.81
CA LEU C 59 13.84 -20.81 19.94
C LEU C 59 13.98 -21.49 21.30
N ILE C 60 12.85 -21.61 22.01
CA ILE C 60 12.80 -22.32 23.30
C ILE C 60 12.01 -23.61 23.06
N LEU C 61 12.70 -24.75 23.17
CA LEU C 61 12.13 -26.06 22.90
C LEU C 61 11.75 -26.78 24.19
N GLY C 62 10.75 -27.64 24.10
CA GLY C 62 10.33 -28.44 25.23
C GLY C 62 8.96 -29.05 25.03
N LYS C 63 8.48 -29.71 26.08
CA LYS C 63 7.17 -30.34 26.08
C LYS C 63 6.25 -29.61 27.03
N ILE C 64 5.06 -29.29 26.55
CA ILE C 64 4.01 -28.73 27.38
C ILE C 64 2.89 -29.76 27.33
N LYS C 65 2.50 -30.27 28.48
CA LYS C 65 1.49 -31.33 28.59
C LYS C 65 1.74 -32.46 27.60
N ASN C 66 2.99 -32.87 27.52
CA ASN C 66 3.47 -33.97 26.64
C ASN C 66 3.31 -33.72 25.14
N VAL C 67 3.27 -32.46 24.71
CA VAL C 67 3.27 -32.11 23.29
C VAL C 67 4.53 -31.30 23.03
N ASP C 68 5.28 -31.68 22.01
CA ASP C 68 6.46 -30.92 21.62
C ASP C 68 6.05 -29.52 21.18
N CYS C 69 6.71 -28.52 21.74
CA CYS C 69 6.47 -27.12 21.41
C CYS C 69 7.78 -26.40 21.15
N VAL C 70 7.69 -25.31 20.38
CA VAL C 70 8.80 -24.42 20.06
C VAL C 70 8.29 -23.00 20.29
N LEU C 71 8.84 -22.31 21.28
CA LEU C 71 8.40 -20.95 21.63
C LEU C 71 9.31 -19.93 20.98
N LEU C 72 8.73 -18.87 20.43
CA LEU C 72 9.50 -17.80 19.77
C LEU C 72 8.84 -16.44 20.07
N ALA C 73 9.55 -15.57 20.78
CA ALA C 73 9.09 -14.19 21.01
C ALA C 73 9.24 -13.36 19.72
N ARG C 74 8.18 -12.65 19.36
CA ARG C 74 8.09 -11.98 18.05
C ARG C 74 8.97 -10.74 17.90
N HIS C 75 9.05 -9.92 18.94
CA HIS C 75 9.86 -8.68 18.89
C HIS C 75 11.16 -8.77 19.66
N GLY C 76 11.57 -10.00 20.04
CA GLY C 76 12.76 -10.20 20.87
C GLY C 76 12.45 -10.16 22.34
N ARG C 77 13.33 -10.78 23.15
CA ARG C 77 13.11 -10.91 24.60
C ARG C 77 13.27 -9.56 25.32
N GLN C 78 14.29 -8.80 24.93
CA GLN C 78 14.59 -7.49 25.50
C GLN C 78 14.77 -6.47 24.38
N HIS C 79 14.05 -6.61 23.25
CA HIS C 79 14.34 -5.90 21.98
C HIS C 79 13.24 -4.90 21.58
N THR C 80 13.49 -4.09 20.56
CA THR C 80 12.70 -2.90 20.29
C THR C 80 12.79 -2.66 18.81
N ILE C 81 11.90 -3.30 18.07
CA ILE C 81 11.93 -3.38 16.59
C ILE C 81 10.52 -3.09 16.04
N MET C 82 10.41 -2.22 15.04
CA MET C 82 9.11 -1.90 14.45
C MET C 82 8.51 -3.18 13.81
N PRO C 83 7.17 -3.33 13.85
CA PRO C 83 6.55 -4.48 13.16
C PRO C 83 6.97 -4.59 11.70
N SER C 84 7.22 -3.47 11.03
CA SER C 84 7.75 -3.45 9.65
C SER C 84 9.05 -4.21 9.46
N LYS C 85 9.88 -4.27 10.48
CA LYS C 85 11.24 -4.80 10.37
C LYS C 85 11.44 -6.15 11.03
N VAL C 86 10.39 -6.74 11.59
CA VAL C 86 10.48 -8.08 12.17
C VAL C 86 10.77 -9.06 11.03
N ASN C 87 11.73 -9.96 11.26
CA ASN C 87 12.11 -10.91 10.23
C ASN C 87 11.14 -12.10 10.25
N TYR C 88 9.96 -11.87 9.67
CA TYR C 88 8.90 -12.87 9.65
C TYR C 88 9.32 -14.10 8.87
N GLN C 89 10.03 -13.90 7.77
CA GLN C 89 10.56 -15.00 6.97
C GLN C 89 11.43 -15.91 7.81
N ALA C 90 12.41 -15.35 8.52
CA ALA C 90 13.29 -16.14 9.38
C ALA C 90 12.52 -16.82 10.50
N ASN C 91 11.53 -16.14 11.09
CA ASN C 91 10.77 -16.71 12.18
C ASN C 91 10.02 -17.97 11.72
N ILE C 92 9.29 -17.86 10.61
CA ILE C 92 8.49 -18.99 10.13
C ILE C 92 9.40 -20.11 9.56
N TRP C 93 10.46 -19.73 8.85
CA TRP C 93 11.42 -20.70 8.35
C TRP C 93 12.02 -21.52 9.48
N ALA C 94 12.44 -20.85 10.55
CA ALA C 94 13.02 -21.51 11.72
C ALA C 94 12.05 -22.51 12.34
N LEU C 95 10.79 -22.09 12.50
CA LEU C 95 9.78 -22.97 13.05
C LEU C 95 9.54 -24.18 12.13
N LYS C 96 9.49 -23.94 10.83
CA LYS C 96 9.35 -25.02 9.85
C LYS C 96 10.52 -26.00 9.95
N GLU C 97 11.73 -25.46 10.04
CA GLU C 97 12.96 -26.26 10.12
C GLU C 97 13.05 -27.09 11.39
N GLU C 98 12.44 -26.62 12.48
CA GLU C 98 12.33 -27.42 13.71
C GLU C 98 11.31 -28.55 13.64
N GLY C 99 10.51 -28.60 12.56
CA GLY C 99 9.51 -29.64 12.37
C GLY C 99 8.13 -29.24 12.84
N CYS C 100 7.86 -27.93 12.97
CA CYS C 100 6.55 -27.51 13.43
C CYS C 100 5.49 -27.87 12.38
N THR C 101 4.44 -28.53 12.84
CA THR C 101 3.26 -28.82 12.04
C THR C 101 2.20 -27.74 12.21
N HIS C 102 2.21 -27.11 13.37
CA HIS C 102 1.25 -26.08 13.73
C HIS C 102 2.00 -24.85 14.24
N VAL C 103 1.40 -23.68 14.03
CA VAL C 103 1.83 -22.44 14.68
C VAL C 103 0.59 -21.78 15.26
N ILE C 104 0.65 -21.47 16.54
CA ILE C 104 -0.39 -20.68 17.20
C ILE C 104 0.28 -19.41 17.68
N VAL C 105 -0.27 -18.28 17.29
CA VAL C 105 0.26 -16.98 17.67
C VAL C 105 -0.73 -16.27 18.56
N THR C 106 -0.21 -15.42 19.44
CA THR C 106 -1.04 -14.50 20.19
C THR C 106 -0.64 -13.11 19.70
N THR C 107 -1.63 -12.24 19.58
CA THR C 107 -1.41 -10.86 19.20
C THR C 107 -2.35 -9.96 19.99
N ALA C 108 -1.85 -8.80 20.41
CA ALA C 108 -2.73 -7.72 20.85
C ALA C 108 -3.36 -7.10 19.60
N CYS C 109 -4.47 -6.39 19.79
CA CYS C 109 -5.12 -5.74 18.67
C CYS C 109 -6.07 -4.67 19.17
N GLY C 110 -6.42 -3.75 18.29
CA GLY C 110 -7.48 -2.80 18.55
C GLY C 110 -8.80 -3.41 18.11
N SER C 111 -9.87 -3.06 18.80
CA SER C 111 -11.21 -3.46 18.41
C SER C 111 -11.85 -2.37 17.56
N LEU C 112 -12.43 -2.80 16.43
CA LEU C 112 -13.19 -1.94 15.55
C LEU C 112 -14.68 -2.18 15.66
N ARG C 113 -15.11 -2.91 16.69
CA ARG C 113 -16.52 -3.25 16.91
C ARG C 113 -16.87 -3.10 18.37
N GLU C 114 -17.99 -2.44 18.67
CA GLU C 114 -18.39 -2.23 20.07
C GLU C 114 -18.42 -3.53 20.86
N GLU C 115 -18.95 -4.58 20.24
CA GLU C 115 -19.12 -5.89 20.89
C GLU C 115 -17.82 -6.61 21.24
N ILE C 116 -16.73 -6.26 20.56
CA ILE C 116 -15.39 -6.79 20.90
C ILE C 116 -14.79 -5.81 21.90
N GLN C 117 -14.91 -6.15 23.18
CA GLN C 117 -14.47 -5.27 24.25
C GLN C 117 -13.03 -5.54 24.58
N PRO C 118 -12.31 -4.53 25.08
CA PRO C 118 -10.93 -4.79 25.54
C PRO C 118 -10.87 -5.94 26.55
N GLY C 119 -9.92 -6.84 26.36
CA GLY C 119 -9.84 -8.08 27.12
C GLY C 119 -10.44 -9.29 26.43
N ASP C 120 -11.34 -9.08 25.47
CA ASP C 120 -11.91 -10.18 24.68
C ASP C 120 -10.89 -10.80 23.77
N ILE C 121 -11.04 -12.12 23.58
CA ILE C 121 -10.29 -12.87 22.61
C ILE C 121 -11.09 -12.97 21.32
N VAL C 122 -10.40 -12.92 20.20
CA VAL C 122 -11.02 -13.08 18.88
C VAL C 122 -10.22 -14.13 18.15
N ILE C 123 -10.89 -15.20 17.75
CA ILE C 123 -10.24 -16.26 16.99
C ILE C 123 -10.44 -15.90 15.52
N ILE C 124 -9.55 -15.05 15.02
CA ILE C 124 -9.68 -14.47 13.70
C ILE C 124 -9.67 -15.52 12.59
N ASP C 125 -10.48 -15.28 11.56
CA ASP C 125 -10.57 -16.16 10.41
C ASP C 125 -10.27 -15.52 9.06
N GLN C 126 -10.12 -14.20 9.01
CA GLN C 126 -9.74 -13.51 7.79
C GLN C 126 -8.80 -12.36 8.12
N PHE C 127 -8.16 -11.83 7.08
CA PHE C 127 -7.39 -10.62 7.20
C PHE C 127 -7.61 -9.72 6.01
N ILE C 128 -7.30 -8.43 6.22
CA ILE C 128 -7.17 -7.47 5.16
C ILE C 128 -5.78 -6.86 5.29
N ASP C 129 -5.00 -6.92 4.21
CA ASP C 129 -3.61 -6.44 4.24
C ASP C 129 -3.58 -4.94 3.99
N ARG C 130 -3.05 -4.17 4.95
CA ARG C 130 -2.77 -2.76 4.72
C ARG C 130 -1.26 -2.50 4.88
N THR C 131 -0.44 -3.55 4.85
CA THR C 131 1.01 -3.39 4.91
C THR C 131 1.53 -2.99 3.53
N THR C 132 2.70 -2.37 3.51
CA THR C 132 3.30 -1.94 2.26
C THR C 132 4.77 -2.38 2.09
N MET C 133 5.51 -2.57 3.18
CA MET C 133 6.95 -2.73 3.10
C MET C 133 7.45 -4.18 3.13
N ARG C 134 6.54 -5.15 3.11
CA ARG C 134 6.88 -6.46 3.67
C ARG C 134 7.02 -7.57 2.65
N PRO C 135 8.16 -8.27 2.66
CA PRO C 135 8.25 -9.55 1.97
C PRO C 135 7.18 -10.50 2.47
N GLN C 136 6.43 -11.08 1.54
CA GLN C 136 5.32 -11.97 1.89
C GLN C 136 5.50 -13.38 1.36
N SER C 137 6.66 -13.69 0.80
CA SER C 137 6.92 -14.98 0.22
C SER C 137 8.34 -15.41 0.53
N PHE C 138 8.53 -16.72 0.68
CA PHE C 138 9.86 -17.32 0.72
C PHE C 138 10.46 -17.40 -0.68
N TYR C 139 9.61 -17.43 -1.71
CA TYR C 139 10.03 -17.72 -3.08
C TYR C 139 10.30 -16.41 -3.81
N ASP C 140 11.40 -15.76 -3.40
CA ASP C 140 11.75 -14.41 -3.82
C ASP C 140 12.80 -14.33 -4.95
N GLY C 141 13.11 -15.46 -5.57
CA GLY C 141 14.10 -15.54 -6.64
C GLY C 141 15.57 -15.48 -6.20
N SER C 142 15.83 -15.45 -4.89
CA SER C 142 17.18 -15.30 -4.36
C SER C 142 17.55 -16.38 -3.33
N HIS C 143 16.74 -17.43 -3.18
CA HIS C 143 16.98 -18.39 -2.12
C HIS C 143 16.91 -19.82 -2.53
N SER C 144 17.98 -20.47 -2.07
CA SER C 144 18.35 -21.91 -2.17
C SER C 144 17.26 -22.92 -2.02
N CYS C 145 16.54 -22.69 -0.94
CA CYS C 145 15.56 -23.67 -0.45
C CYS C 145 14.16 -23.36 -0.99
N ALA C 146 14.03 -22.25 -1.73
CA ALA C 146 12.76 -21.74 -2.17
C ALA C 146 12.88 -21.18 -3.58
N ARG C 147 13.03 -22.07 -4.55
CA ARG C 147 13.15 -21.70 -5.97
C ARG C 147 11.78 -21.63 -6.63
N GLY C 148 11.64 -20.72 -7.60
CA GLY C 148 10.38 -20.58 -8.37
C GLY C 148 9.54 -19.42 -7.87
N VAL C 149 8.27 -19.37 -8.30
CA VAL C 149 7.33 -18.34 -7.83
C VAL C 149 6.15 -19.03 -7.17
N CYS C 150 5.79 -18.61 -5.96
CA CYS C 150 4.70 -19.21 -5.23
C CYS C 150 3.50 -18.27 -5.19
N HIS C 151 2.34 -18.75 -5.60
CA HIS C 151 1.08 -18.03 -5.47
C HIS C 151 0.15 -18.82 -4.55
N ILE C 152 0.30 -18.58 -3.24
CA ILE C 152 -0.41 -19.35 -2.24
C ILE C 152 -1.88 -18.89 -2.15
N PRO C 153 -2.84 -19.85 -2.09
CA PRO C 153 -4.22 -19.45 -1.86
C PRO C 153 -4.42 -18.90 -0.46
N MET C 154 -5.26 -17.87 -0.32
CA MET C 154 -5.54 -17.25 0.97
C MET C 154 -7.04 -17.18 1.27
N ALA C 155 -7.83 -18.01 0.60
CA ALA C 155 -9.29 -18.03 0.83
C ALA C 155 -9.62 -18.31 2.30
N GLU C 156 -8.88 -19.25 2.87
CA GLU C 156 -9.00 -19.66 4.27
C GLU C 156 -7.59 -19.55 4.89
N PRO C 157 -7.18 -18.35 5.31
CA PRO C 157 -5.78 -18.21 5.78
C PRO C 157 -5.47 -18.92 7.10
N PHE C 158 -6.47 -19.15 7.94
CA PHE C 158 -6.27 -19.71 9.27
C PHE C 158 -6.82 -21.13 9.35
N CYS C 159 -6.06 -22.02 9.98
CA CYS C 159 -6.38 -23.43 10.06
CA CYS C 159 -6.38 -23.44 10.04
C CYS C 159 -7.73 -23.66 10.76
N PRO C 160 -8.75 -24.15 10.02
CA PRO C 160 -10.09 -24.30 10.65
C PRO C 160 -10.17 -25.21 11.87
N LYS C 161 -9.44 -26.33 11.85
CA LYS C 161 -9.54 -27.29 12.95
C LYS C 161 -8.88 -26.75 14.22
N THR C 162 -7.75 -26.07 14.09
CA THR C 162 -7.15 -25.40 15.24
C THR C 162 -8.07 -24.32 15.80
N ARG C 163 -8.68 -23.53 14.91
CA ARG C 163 -9.61 -22.51 15.35
C ARG C 163 -10.79 -23.10 16.12
N GLU C 164 -11.33 -24.23 15.64
CA GLU C 164 -12.44 -24.88 16.32
C GLU C 164 -12.07 -25.32 17.75
N VAL C 165 -10.87 -25.87 17.89
CA VAL C 165 -10.34 -26.26 19.20
C VAL C 165 -10.17 -25.05 20.11
N LEU C 166 -9.60 -23.96 19.57
CA LEU C 166 -9.47 -22.72 20.32
C LEU C 166 -10.82 -22.21 20.80
N ILE C 167 -11.81 -22.19 19.90
CA ILE C 167 -13.15 -21.70 20.23
C ILE C 167 -13.79 -22.55 21.32
N GLU C 168 -13.70 -23.86 21.15
CA GLU C 168 -14.29 -24.81 22.11
C GLU C 168 -13.63 -24.68 23.48
N THR C 169 -12.31 -24.60 23.48
CA THR C 169 -11.53 -24.47 24.71
C THR C 169 -11.84 -23.17 25.44
N ALA C 170 -11.93 -22.06 24.72
CA ALA C 170 -12.31 -20.77 25.32
C ALA C 170 -13.68 -20.83 25.99
N LYS C 171 -14.62 -21.50 25.35
CA LYS C 171 -15.96 -21.68 25.92
C LYS C 171 -15.90 -22.45 27.25
N LYS C 172 -15.14 -23.56 27.26
CA LYS C 172 -14.94 -24.37 28.46
C LYS C 172 -14.28 -23.59 29.60
N LEU C 173 -13.34 -22.73 29.26
CA LEU C 173 -12.67 -21.87 30.24
C LEU C 173 -13.50 -20.68 30.71
N GLY C 174 -14.67 -20.44 30.10
CA GLY C 174 -15.52 -19.30 30.45
C GLY C 174 -14.99 -17.95 29.94
N LEU C 175 -14.10 -17.97 28.95
CA LEU C 175 -13.50 -16.73 28.42
C LEU C 175 -14.44 -16.02 27.46
N ARG C 176 -14.42 -14.69 27.50
CA ARG C 176 -15.11 -13.89 26.50
C ARG C 176 -14.34 -14.04 25.20
N CYS C 177 -15.01 -14.61 24.18
CA CYS C 177 -14.34 -15.01 22.96
C CYS C 177 -15.26 -14.92 21.76
N HIS C 178 -14.75 -14.33 20.69
CA HIS C 178 -15.48 -14.21 19.42
C HIS C 178 -14.97 -15.25 18.46
N SER C 179 -15.90 -16.01 17.88
CA SER C 179 -15.58 -17.17 17.08
C SER C 179 -15.10 -16.87 15.65
N LYS C 180 -15.23 -15.62 15.22
CA LYS C 180 -14.62 -15.20 13.95
C LYS C 180 -14.26 -13.73 14.02
N GLY C 181 -13.53 -13.27 13.01
CA GLY C 181 -13.17 -11.87 12.92
C GLY C 181 -12.13 -11.61 11.84
N THR C 182 -12.24 -10.44 11.24
CA THR C 182 -11.33 -10.01 10.19
C THR C 182 -10.33 -9.04 10.79
N MET C 183 -9.06 -9.41 10.71
CA MET C 183 -7.96 -8.56 11.16
C MET C 183 -7.43 -7.70 10.01
N VAL C 184 -7.44 -6.38 10.19
CA VAL C 184 -6.72 -5.51 9.27
C VAL C 184 -5.31 -5.31 9.84
N THR C 185 -4.30 -5.62 9.06
CA THR C 185 -2.92 -5.41 9.47
C THR C 185 -2.36 -4.17 8.81
N ILE C 186 -2.01 -3.18 9.61
CA ILE C 186 -1.47 -1.92 9.12
C ILE C 186 0.06 -1.97 9.19
N GLU C 187 0.71 -1.11 8.41
CA GLU C 187 2.16 -1.10 8.33
C GLU C 187 2.78 -0.68 9.64
N GLY C 188 2.21 0.36 10.23
CA GLY C 188 2.75 0.98 11.42
C GLY C 188 4.08 1.66 11.11
N PRO C 189 4.83 2.06 12.13
CA PRO C 189 4.51 1.84 13.54
C PRO C 189 3.45 2.76 14.14
N ARG C 190 3.07 3.82 13.43
CA ARG C 190 2.00 4.70 13.88
C ARG C 190 0.69 3.95 14.01
N PHE C 191 -0.16 4.40 14.93
CA PHE C 191 -1.54 3.98 14.94
C PHE C 191 -2.30 4.67 13.81
N SER C 192 -3.53 4.19 13.58
CA SER C 192 -4.36 4.71 12.52
C SER C 192 -4.96 6.07 12.86
N SER C 193 -5.24 6.85 11.82
CA SER C 193 -6.04 8.06 11.97
C SER C 193 -7.49 7.67 12.22
N ARG C 194 -8.30 8.60 12.71
CA ARG C 194 -9.74 8.32 12.86
C ARG C 194 -10.41 8.06 11.51
N ALA C 195 -10.06 8.79 10.45
CA ALA C 195 -10.65 8.52 9.13
C ALA C 195 -10.28 7.11 8.65
N GLU C 196 -9.05 6.68 8.93
CA GLU C 196 -8.67 5.29 8.63
C GLU C 196 -9.48 4.27 9.44
N SER C 197 -9.65 4.54 10.72
CA SER C 197 -10.37 3.63 11.61
C SER C 197 -11.81 3.43 11.11
N PHE C 198 -12.48 4.53 10.79
CA PHE C 198 -13.84 4.48 10.24
C PHE C 198 -13.90 3.74 8.91
N MET C 199 -12.93 4.00 8.03
CA MET C 199 -12.85 3.31 6.75
C MET C 199 -12.69 1.79 6.91
N PHE C 200 -11.80 1.37 7.81
CA PHE C 200 -11.60 -0.07 8.07
C PHE C 200 -12.91 -0.73 8.54
N ARG C 201 -13.67 -0.05 9.38
CA ARG C 201 -15.00 -0.54 9.76
C ARG C 201 -15.91 -0.75 8.54
N THR C 202 -15.94 0.19 7.61
CA THR C 202 -16.75 0.05 6.39
C THR C 202 -16.25 -1.08 5.49
N TRP C 203 -14.96 -1.41 5.55
CA TRP C 203 -14.40 -2.54 4.80
C TRP C 203 -14.73 -3.90 5.37
N GLY C 204 -15.25 -3.95 6.60
CA GLY C 204 -15.56 -5.22 7.25
C GLY C 204 -14.49 -5.70 8.21
N ALA C 205 -13.49 -4.86 8.53
CA ALA C 205 -12.48 -5.24 9.50
C ALA C 205 -13.09 -5.14 10.90
N ASP C 206 -12.74 -6.11 11.73
CA ASP C 206 -13.23 -6.20 13.12
C ASP C 206 -12.20 -5.88 14.17
N VAL C 207 -10.95 -6.21 13.88
CA VAL C 207 -9.82 -5.93 14.76
C VAL C 207 -8.66 -5.44 13.92
N ILE C 208 -7.68 -4.80 14.57
CA ILE C 208 -6.58 -4.16 13.88
C ILE C 208 -5.25 -4.42 14.58
N ASN C 209 -4.23 -4.76 13.81
CA ASN C 209 -2.90 -4.97 14.37
C ASN C 209 -1.81 -4.64 13.37
N MET C 210 -0.57 -4.99 13.71
CA MET C 210 0.57 -4.70 12.88
C MET C 210 1.39 -5.93 12.45
N THR C 211 0.98 -7.15 12.83
CA THR C 211 1.81 -8.34 12.61
C THR C 211 1.18 -9.56 11.93
N THR C 212 -0.14 -9.63 11.76
CA THR C 212 -0.74 -10.84 11.19
C THR C 212 -0.24 -11.11 9.77
N VAL C 213 -0.16 -10.07 8.95
CA VAL C 213 0.43 -10.16 7.62
C VAL C 213 1.87 -9.67 7.77
N PRO C 214 2.88 -10.41 7.31
CA PRO C 214 2.78 -11.58 6.43
C PRO C 214 2.95 -12.94 7.12
N GLU C 215 2.99 -12.96 8.45
CA GLU C 215 3.14 -14.16 9.26
C GLU C 215 2.21 -15.30 8.78
N VAL C 216 0.93 -15.01 8.70
CA VAL C 216 -0.08 -15.98 8.24
C VAL C 216 0.20 -16.48 6.81
N VAL C 217 0.65 -15.60 5.93
CA VAL C 217 0.93 -15.93 4.54
C VAL C 217 2.12 -16.88 4.43
N LEU C 218 3.19 -16.54 5.13
CA LEU C 218 4.40 -17.35 5.12
C LEU C 218 4.17 -18.73 5.73
N ALA C 219 3.37 -18.82 6.80
CA ALA C 219 3.04 -20.11 7.40
C ALA C 219 2.33 -21.02 6.40
N LYS C 220 1.40 -20.46 5.63
CA LYS C 220 0.69 -21.21 4.60
C LYS C 220 1.64 -21.69 3.50
N GLU C 221 2.57 -20.84 3.08
CA GLU C 221 3.59 -21.26 2.12
C GLU C 221 4.43 -22.43 2.63
N ALA C 222 4.74 -22.42 3.93
CA ALA C 222 5.51 -23.50 4.56
C ALA C 222 4.71 -24.77 4.87
N GLY C 223 3.41 -24.77 4.56
CA GLY C 223 2.54 -25.91 4.79
C GLY C 223 2.21 -26.14 6.25
N ILE C 224 2.20 -25.05 7.04
CA ILE C 224 1.95 -25.12 8.47
C ILE C 224 0.49 -24.73 8.77
N CYS C 225 -0.13 -25.48 9.67
CA CYS C 225 -1.46 -25.13 10.20
CA CYS C 225 -1.46 -25.15 10.20
C CYS C 225 -1.31 -23.94 11.12
N TYR C 226 -1.78 -22.76 10.68
CA TYR C 226 -1.59 -21.50 11.45
C TYR C 226 -2.90 -20.99 11.99
N ALA C 227 -2.89 -20.60 13.26
CA ALA C 227 -4.04 -19.95 13.89
C ALA C 227 -3.59 -18.85 14.83
N SER C 228 -4.49 -17.91 15.06
CA SER C 228 -4.18 -16.74 15.87
C SER C 228 -5.19 -16.50 16.98
N ILE C 229 -4.65 -16.21 18.16
CA ILE C 229 -5.41 -15.73 19.31
C ILE C 229 -5.19 -14.21 19.35
N ALA C 230 -6.22 -13.45 19.08
CA ALA C 230 -6.11 -11.99 19.13
C ALA C 230 -6.79 -11.51 20.38
N MET C 231 -6.10 -10.70 21.19
CA MET C 231 -6.71 -10.09 22.35
C MET C 231 -6.86 -8.59 22.13
N ALA C 232 -8.10 -8.11 22.21
CA ALA C 232 -8.37 -6.70 22.08
C ALA C 232 -7.81 -5.94 23.29
N THR C 233 -7.11 -4.84 23.04
CA THR C 233 -6.52 -4.01 24.12
C THR C 233 -7.06 -2.58 24.17
N ASP C 234 -7.89 -2.22 23.21
CA ASP C 234 -8.35 -0.85 23.02
C ASP C 234 -9.41 -0.83 21.94
N TYR C 235 -10.01 0.32 21.71
CA TYR C 235 -10.99 0.52 20.66
C TYR C 235 -10.41 1.39 19.52
N ASP C 236 -9.11 1.29 19.28
CA ASP C 236 -8.46 2.12 18.27
C ASP C 236 -8.87 3.59 18.52
N CYS C 237 -9.41 4.34 17.55
CA CYS C 237 -9.85 5.71 17.80
C CYS C 237 -11.17 6.07 17.13
N TRP C 238 -11.97 5.07 16.79
CA TRP C 238 -13.22 5.32 16.04
C TRP C 238 -14.38 5.81 16.89
N LYS C 239 -14.27 5.72 18.21
CA LYS C 239 -15.18 6.45 19.10
C LYS C 239 -14.64 7.88 19.34
N GLU C 240 -15.43 8.89 18.98
CA GLU C 240 -15.03 10.30 19.11
C GLU C 240 -15.01 10.71 20.58
N HIS C 241 -15.98 10.25 21.37
CA HIS C 241 -16.06 10.50 22.82
C HIS C 241 -15.03 9.80 23.71
N GLU C 242 -14.60 8.60 23.33
CA GLU C 242 -13.76 7.73 24.19
C GLU C 242 -12.28 8.01 23.95
N GLU C 243 -11.46 7.62 24.91
CA GLU C 243 -10.02 7.85 24.82
C GLU C 243 -9.40 6.93 23.76
N ALA C 244 -8.67 7.53 22.85
CA ALA C 244 -8.05 6.80 21.75
C ALA C 244 -6.91 5.92 22.25
N VAL C 245 -6.55 4.96 21.44
CA VAL C 245 -5.41 4.11 21.68
C VAL C 245 -4.09 4.89 21.84
N SER C 246 -3.24 4.37 22.70
CA SER C 246 -1.87 4.79 22.87
C SER C 246 -1.11 3.57 23.39
N VAL C 247 0.21 3.64 23.37
CA VAL C 247 1.02 2.56 23.92
C VAL C 247 0.65 2.29 25.38
N ASP C 248 0.49 3.33 26.19
CA ASP C 248 0.14 3.15 27.60
C ASP C 248 -1.23 2.47 27.82
N ARG C 249 -2.21 2.84 27.00
CA ARG C 249 -3.52 2.17 27.06
C ARG C 249 -3.42 0.69 26.69
N VAL C 250 -2.61 0.35 25.70
CA VAL C 250 -2.43 -1.07 25.30
C VAL C 250 -1.76 -1.85 26.45
N LEU C 251 -0.65 -1.31 26.97
CA LEU C 251 0.10 -1.95 28.06
C LEU C 251 -0.77 -2.14 29.31
N LYS C 252 -1.57 -1.15 29.64
CA LYS C 252 -2.48 -1.22 30.78
C LYS C 252 -3.50 -2.37 30.63
N THR C 253 -4.10 -2.52 29.45
CA THR C 253 -5.06 -3.61 29.21
C THR C 253 -4.38 -4.98 29.24
N LEU C 254 -3.18 -5.07 28.69
CA LEU C 254 -2.40 -6.31 28.74
C LEU C 254 -2.06 -6.71 30.19
N LYS C 255 -1.65 -5.75 31.01
CA LYS C 255 -1.37 -6.00 32.43
C LYS C 255 -2.62 -6.55 33.13
N GLU C 256 -3.76 -5.94 32.86
CA GLU C 256 -5.06 -6.37 33.40
C GLU C 256 -5.62 -7.67 32.81
N ASN C 257 -5.09 -8.16 31.69
CA ASN C 257 -5.61 -9.36 31.02
C ASN C 257 -4.51 -10.45 30.72
N ALA C 258 -3.53 -10.47 31.62
CA ALA C 258 -2.25 -11.13 31.36
C ALA C 258 -2.34 -12.65 31.19
N ASN C 259 -3.29 -13.27 31.90
CA ASN C 259 -3.40 -14.73 32.01
C ASN C 259 -4.24 -15.44 30.94
N LYS C 260 -5.18 -14.75 30.31
CA LYS C 260 -6.20 -15.38 29.46
C LYS C 260 -5.64 -16.17 28.29
N ALA C 261 -4.72 -15.54 27.56
CA ALA C 261 -4.14 -16.18 26.37
C ALA C 261 -3.30 -17.37 26.77
N LYS C 262 -2.55 -17.24 27.87
CA LYS C 262 -1.76 -18.35 28.40
C LYS C 262 -2.63 -19.53 28.78
N SER C 263 -3.71 -19.26 29.52
CA SER C 263 -4.65 -20.30 29.93
C SER C 263 -5.27 -21.00 28.70
N LEU C 264 -5.70 -20.19 27.74
CA LEU C 264 -6.29 -20.75 26.50
C LEU C 264 -5.31 -21.66 25.79
N LEU C 265 -4.09 -21.18 25.63
CA LEU C 265 -3.02 -21.97 24.99
C LEU C 265 -2.70 -23.23 25.73
N LEU C 266 -2.53 -23.13 27.06
CA LEU C 266 -2.24 -24.30 27.89
C LEU C 266 -3.26 -25.40 27.74
N THR C 267 -4.53 -25.03 27.74
CA THR C 267 -5.61 -25.99 27.64
C THR C 267 -5.78 -26.50 26.19
N THR C 268 -5.48 -25.64 25.22
CA THR C 268 -5.54 -26.00 23.79
C THR C 268 -4.47 -26.97 23.34
N ILE C 269 -3.25 -26.80 23.82
CA ILE C 269 -2.10 -27.60 23.37
C ILE C 269 -2.32 -29.13 23.41
N PRO C 270 -2.76 -29.69 24.56
CA PRO C 270 -2.99 -31.14 24.57
C PRO C 270 -4.15 -31.59 23.66
N GLN C 271 -5.18 -30.76 23.47
CA GLN C 271 -6.26 -31.06 22.52
C GLN C 271 -5.72 -31.17 21.08
N ILE C 272 -4.77 -30.30 20.72
CA ILE C 272 -4.13 -30.37 19.40
C ILE C 272 -3.28 -31.64 19.31
N GLY C 273 -2.55 -31.94 20.38
CA GLY C 273 -1.77 -33.17 20.48
C GLY C 273 -2.55 -34.46 20.26
N SER C 274 -3.81 -34.49 20.72
CA SER C 274 -4.64 -35.70 20.64
C SER C 274 -5.68 -35.69 19.52
N THR C 275 -5.65 -34.68 18.64
CA THR C 275 -6.50 -34.62 17.44
C THR C 275 -5.74 -35.28 16.27
N GLU C 276 -6.51 -35.83 15.32
CA GLU C 276 -5.94 -36.39 14.08
C GLU C 276 -5.63 -35.26 13.10
N TRP C 277 -4.43 -35.27 12.51
CA TRP C 277 -4.01 -34.20 11.59
C TRP C 277 -3.53 -34.63 10.20
N SER C 278 -3.35 -35.92 9.94
CA SER C 278 -2.61 -36.37 8.75
C SER C 278 -3.24 -35.89 7.43
N GLU C 279 -4.57 -35.86 7.35
CA GLU C 279 -5.27 -35.39 6.15
C GLU C 279 -5.22 -33.87 6.01
N THR C 280 -5.44 -33.14 7.12
CA THR C 280 -5.27 -31.69 7.16
C THR C 280 -3.87 -31.27 6.70
N LEU C 281 -2.85 -31.90 7.29
CA LEU C 281 -1.47 -31.59 6.95
C LEU C 281 -1.09 -32.00 5.53
N HIS C 282 -1.66 -33.10 5.05
CA HIS C 282 -1.44 -33.56 3.67
C HIS C 282 -2.01 -32.55 2.66
N ASN C 283 -3.24 -32.09 2.91
CA ASN C 283 -3.87 -31.08 2.04
C ASN C 283 -3.14 -29.73 2.06
N LEU C 284 -2.67 -29.31 3.25
CA LEU C 284 -1.81 -28.13 3.35
C LEU C 284 -0.51 -28.28 2.58
N LYS C 285 0.13 -29.44 2.71
CA LYS C 285 1.36 -29.74 1.96
C LYS C 285 1.13 -29.67 0.46
N ASN C 286 0.05 -30.31 -0.01
CA ASN C 286 -0.30 -30.29 -1.43
C ASN C 286 -0.59 -28.87 -1.94
N MET C 287 -1.42 -28.13 -1.20
CA MET C 287 -1.71 -26.72 -1.55
C MET C 287 -0.43 -25.93 -1.71
N ALA C 288 0.49 -26.03 -0.74
CA ALA C 288 1.78 -25.32 -0.79
C ALA C 288 2.63 -25.75 -1.97
N GLN C 289 2.78 -27.07 -2.14
CA GLN C 289 3.57 -27.63 -3.24
C GLN C 289 3.08 -27.20 -4.64
N PHE C 290 1.78 -27.33 -4.87
CA PHE C 290 1.20 -27.04 -6.19
C PHE C 290 0.92 -25.55 -6.45
N SER C 291 1.27 -24.68 -5.48
CA SER C 291 1.23 -23.22 -5.66
C SER C 291 2.51 -22.69 -6.29
N VAL C 292 3.53 -23.54 -6.38
CA VAL C 292 4.84 -23.14 -6.89
C VAL C 292 4.94 -23.37 -8.41
N LEU C 293 5.29 -22.32 -9.15
CA LEU C 293 5.59 -22.43 -10.59
C LEU C 293 7.09 -22.49 -10.79
N LEU C 294 7.51 -23.41 -11.67
CA LEU C 294 8.93 -23.55 -12.08
C LEU C 294 9.04 -23.39 -13.60
N PRO C 295 10.25 -23.08 -14.12
CA PRO C 295 10.43 -22.74 -15.55
C PRO C 295 9.84 -23.72 -16.57
#